data_335D
# 
_entry.id   335D 
# 
_audit_conform.dict_name       mmcif_pdbx.dic 
_audit_conform.dict_version    5.389 
_audit_conform.dict_location   http://mmcif.pdb.org/dictionaries/ascii/mmcif_pdbx.dic 
# 
loop_
_database_2.database_id 
_database_2.database_code 
_database_2.pdbx_database_accession 
_database_2.pdbx_DOI 
PDB   335D         pdb_0000335d 10.2210/pdb335d/pdb 
RCSB  UDJ061       ?            ?                   
WWPDB D_1000178804 ?            ?                   
# 
loop_
_pdbx_audit_revision_history.ordinal 
_pdbx_audit_revision_history.data_content_type 
_pdbx_audit_revision_history.major_revision 
_pdbx_audit_revision_history.minor_revision 
_pdbx_audit_revision_history.revision_date 
1 'Structure model' 1 0 1998-08-10 
2 'Structure model' 1 1 2008-05-22 
3 'Structure model' 1 2 2011-07-13 
4 'Structure model' 1 3 2024-02-21 
5 'Structure model' 1 4 2024-04-03 
# 
_pdbx_audit_revision_details.ordinal             1 
_pdbx_audit_revision_details.revision_ordinal    1 
_pdbx_audit_revision_details.data_content_type   'Structure model' 
_pdbx_audit_revision_details.provider            repository 
_pdbx_audit_revision_details.type                'Initial release' 
_pdbx_audit_revision_details.description         ? 
_pdbx_audit_revision_details.details             ? 
# 
loop_
_pdbx_audit_revision_group.ordinal 
_pdbx_audit_revision_group.revision_ordinal 
_pdbx_audit_revision_group.data_content_type 
_pdbx_audit_revision_group.group 
1 2 'Structure model' 'Version format compliance' 
2 3 'Structure model' 'Version format compliance' 
3 4 'Structure model' 'Data collection'           
4 4 'Structure model' 'Database references'       
5 4 'Structure model' 'Derived calculations'      
6 5 'Structure model' 'Refinement description'    
# 
loop_
_pdbx_audit_revision_category.ordinal 
_pdbx_audit_revision_category.revision_ordinal 
_pdbx_audit_revision_category.data_content_type 
_pdbx_audit_revision_category.category 
1 4 'Structure model' chem_comp_atom                
2 4 'Structure model' chem_comp_bond                
3 4 'Structure model' database_2                    
4 4 'Structure model' pdbx_struct_conn_angle        
5 4 'Structure model' struct_conn                   
6 4 'Structure model' struct_site                   
7 5 'Structure model' pdbx_initial_refinement_model 
# 
loop_
_pdbx_audit_revision_item.ordinal 
_pdbx_audit_revision_item.revision_ordinal 
_pdbx_audit_revision_item.data_content_type 
_pdbx_audit_revision_item.item 
1  4 'Structure model' '_database_2.pdbx_DOI'                        
2  4 'Structure model' '_database_2.pdbx_database_accession'         
3  4 'Structure model' '_pdbx_struct_conn_angle.ptnr1_auth_comp_id'  
4  4 'Structure model' '_pdbx_struct_conn_angle.ptnr1_auth_seq_id'   
5  4 'Structure model' '_pdbx_struct_conn_angle.ptnr1_label_asym_id' 
6  4 'Structure model' '_pdbx_struct_conn_angle.ptnr1_label_atom_id' 
7  4 'Structure model' '_pdbx_struct_conn_angle.ptnr1_label_comp_id' 
8  4 'Structure model' '_pdbx_struct_conn_angle.ptnr1_label_seq_id'  
9  4 'Structure model' '_pdbx_struct_conn_angle.ptnr1_symmetry'      
10 4 'Structure model' '_pdbx_struct_conn_angle.ptnr3_auth_comp_id'  
11 4 'Structure model' '_pdbx_struct_conn_angle.ptnr3_auth_seq_id'   
12 4 'Structure model' '_pdbx_struct_conn_angle.ptnr3_label_asym_id' 
13 4 'Structure model' '_pdbx_struct_conn_angle.ptnr3_label_atom_id' 
14 4 'Structure model' '_pdbx_struct_conn_angle.ptnr3_label_comp_id' 
15 4 'Structure model' '_pdbx_struct_conn_angle.ptnr3_label_seq_id'  
16 4 'Structure model' '_pdbx_struct_conn_angle.ptnr3_symmetry'      
17 4 'Structure model' '_pdbx_struct_conn_angle.value'               
18 4 'Structure model' '_struct_conn.pdbx_dist_value'                
19 4 'Structure model' '_struct_conn.ptnr1_auth_comp_id'             
20 4 'Structure model' '_struct_conn.ptnr1_auth_seq_id'              
21 4 'Structure model' '_struct_conn.ptnr1_label_asym_id'            
22 4 'Structure model' '_struct_conn.ptnr1_label_atom_id'            
23 4 'Structure model' '_struct_conn.ptnr1_label_comp_id'            
24 4 'Structure model' '_struct_conn.ptnr1_label_seq_id'             
25 4 'Structure model' '_struct_conn.ptnr1_symmetry'                 
26 4 'Structure model' '_struct_conn.ptnr2_auth_comp_id'             
27 4 'Structure model' '_struct_conn.ptnr2_auth_seq_id'              
28 4 'Structure model' '_struct_conn.ptnr2_label_asym_id'            
29 4 'Structure model' '_struct_conn.ptnr2_label_atom_id'            
30 4 'Structure model' '_struct_conn.ptnr2_label_comp_id'            
31 4 'Structure model' '_struct_conn.ptnr2_label_seq_id'             
32 4 'Structure model' '_struct_conn.ptnr2_symmetry'                 
33 4 'Structure model' '_struct_site.pdbx_auth_asym_id'              
34 4 'Structure model' '_struct_site.pdbx_auth_comp_id'              
35 4 'Structure model' '_struct_site.pdbx_auth_seq_id'               
# 
_pdbx_database_status.status_code                     REL 
_pdbx_database_status.entry_id                        335D 
_pdbx_database_status.recvd_initial_deposition_date   1997-06-05 
_pdbx_database_status.deposit_site                    NDB 
_pdbx_database_status.process_site                    NDB 
_pdbx_database_status.status_code_sf                  REL 
_pdbx_database_status.status_code_mr                  ? 
_pdbx_database_status.SG_entry                        ? 
_pdbx_database_status.pdb_format_compatible           Y 
_pdbx_database_status.status_code_cs                  ? 
_pdbx_database_status.status_code_nmr_data            ? 
_pdbx_database_status.methods_development_category    ? 
# 
loop_
_audit_author.name 
_audit_author.pdbx_ordinal 
'Nunn, C.M.' 1 
'Neidle, S.' 2 
# 
_citation.id                        primary 
_citation.title                     
'Structure of the DNA decamer d(GGCAATTGCG) contains both major- and minor-groove binding G.(G.C) base triplets.' 
_citation.journal_abbrev            'Acta Crystallogr.,Sect.D' 
_citation.journal_volume            54 
_citation.page_first                577 
_citation.page_last                 583 
_citation.year                      1998 
_citation.journal_id_ASTM           ABCRE6 
_citation.country                   DK 
_citation.journal_id_ISSN           0907-4449 
_citation.journal_id_CSD            0766 
_citation.book_publisher            ? 
_citation.pdbx_database_id_PubMed   9761852 
_citation.pdbx_database_id_DOI      10.1107/S090744499701559X 
# 
loop_
_citation_author.citation_id 
_citation_author.name 
_citation_author.ordinal 
_citation_author.identifier_ORCID 
primary 'Nunn, C.M.' 1 ? 
primary 'Neidle, S.' 2 ? 
# 
loop_
_entity.id 
_entity.type 
_entity.src_method 
_entity.pdbx_description 
_entity.formula_weight 
_entity.pdbx_number_of_molecules 
_entity.pdbx_ec 
_entity.pdbx_mutation 
_entity.pdbx_fragment 
_entity.details 
1 polymer     syn 
;DNA (5'-D(*GP*GP*CP*AP*AP*TP*TP*GP*CP*G)-3')
;
3085.029 1  ? ? ? ? 
2 non-polymer syn 'MAGNESIUM ION'                                24.305   1  ? ? ? ? 
3 water       nat water                                          18.015   66 ? ? ? ? 
# 
_entity_poly.entity_id                      1 
_entity_poly.type                           polydeoxyribonucleotide 
_entity_poly.nstd_linkage                   no 
_entity_poly.nstd_monomer                   no 
_entity_poly.pdbx_seq_one_letter_code       '(DG)(DG)(DC)(DA)(DA)(DT)(DT)(DG)(DC)(DG)' 
_entity_poly.pdbx_seq_one_letter_code_can   GGCAATTGCG 
_entity_poly.pdbx_strand_id                 A 
_entity_poly.pdbx_target_identifier         ? 
# 
loop_
_pdbx_entity_nonpoly.entity_id 
_pdbx_entity_nonpoly.name 
_pdbx_entity_nonpoly.comp_id 
2 'MAGNESIUM ION' MG  
3 water           HOH 
# 
loop_
_entity_poly_seq.entity_id 
_entity_poly_seq.num 
_entity_poly_seq.mon_id 
_entity_poly_seq.hetero 
1 1  DG n 
1 2  DG n 
1 3  DC n 
1 4  DA n 
1 5  DA n 
1 6  DT n 
1 7  DT n 
1 8  DG n 
1 9  DC n 
1 10 DG n 
# 
loop_
_chem_comp.id 
_chem_comp.type 
_chem_comp.mon_nstd_flag 
_chem_comp.name 
_chem_comp.pdbx_synonyms 
_chem_comp.formula 
_chem_comp.formula_weight 
DA  'DNA linking' y "2'-DEOXYADENOSINE-5'-MONOPHOSPHATE" ? 'C10 H14 N5 O6 P' 331.222 
DC  'DNA linking' y "2'-DEOXYCYTIDINE-5'-MONOPHOSPHATE"  ? 'C9 H14 N3 O7 P'  307.197 
DG  'DNA linking' y "2'-DEOXYGUANOSINE-5'-MONOPHOSPHATE" ? 'C10 H14 N5 O7 P' 347.221 
DT  'DNA linking' y "THYMIDINE-5'-MONOPHOSPHATE"         ? 'C10 H15 N2 O8 P' 322.208 
HOH non-polymer   . WATER                                ? 'H2 O'            18.015  
MG  non-polymer   . 'MAGNESIUM ION'                      ? 'Mg 2'            24.305  
# 
loop_
_pdbx_poly_seq_scheme.asym_id 
_pdbx_poly_seq_scheme.entity_id 
_pdbx_poly_seq_scheme.seq_id 
_pdbx_poly_seq_scheme.mon_id 
_pdbx_poly_seq_scheme.ndb_seq_num 
_pdbx_poly_seq_scheme.pdb_seq_num 
_pdbx_poly_seq_scheme.auth_seq_num 
_pdbx_poly_seq_scheme.pdb_mon_id 
_pdbx_poly_seq_scheme.auth_mon_id 
_pdbx_poly_seq_scheme.pdb_strand_id 
_pdbx_poly_seq_scheme.pdb_ins_code 
_pdbx_poly_seq_scheme.hetero 
A 1 1  DG 1  1  1  DG G A . n 
A 1 2  DG 2  2  2  DG G A . n 
A 1 3  DC 3  3  3  DC C A . n 
A 1 4  DA 4  4  4  DA A A . n 
A 1 5  DA 5  5  5  DA A A . n 
A 1 6  DT 6  6  6  DT T A . n 
A 1 7  DT 7  7  7  DT T A . n 
A 1 8  DG 8  8  8  DG G A . n 
A 1 9  DC 9  9  9  DC C A . n 
A 1 10 DG 10 10 10 DG G A . n 
# 
loop_
_pdbx_nonpoly_scheme.asym_id 
_pdbx_nonpoly_scheme.entity_id 
_pdbx_nonpoly_scheme.mon_id 
_pdbx_nonpoly_scheme.ndb_seq_num 
_pdbx_nonpoly_scheme.pdb_seq_num 
_pdbx_nonpoly_scheme.auth_seq_num 
_pdbx_nonpoly_scheme.pdb_mon_id 
_pdbx_nonpoly_scheme.auth_mon_id 
_pdbx_nonpoly_scheme.pdb_strand_id 
_pdbx_nonpoly_scheme.pdb_ins_code 
B 2 MG  1  11 11 MG  MG  A . 
C 3 HOH 1  12 12 HOH HOH A . 
C 3 HOH 2  13 13 HOH HOH A . 
C 3 HOH 3  14 14 HOH HOH A . 
C 3 HOH 4  15 15 HOH HOH A . 
C 3 HOH 5  16 16 HOH HOH A . 
C 3 HOH 6  17 17 HOH HOH A . 
C 3 HOH 7  18 18 HOH HOH A . 
C 3 HOH 8  19 19 HOH HOH A . 
C 3 HOH 9  20 20 HOH HOH A . 
C 3 HOH 10 21 21 HOH HOH A . 
C 3 HOH 11 22 22 HOH HOH A . 
C 3 HOH 12 23 23 HOH HOH A . 
C 3 HOH 13 24 24 HOH HOH A . 
C 3 HOH 14 25 25 HOH HOH A . 
C 3 HOH 15 26 26 HOH HOH A . 
C 3 HOH 16 27 27 HOH HOH A . 
C 3 HOH 17 28 28 HOH HOH A . 
C 3 HOH 18 29 29 HOH HOH A . 
C 3 HOH 19 30 30 HOH HOH A . 
C 3 HOH 20 31 31 HOH HOH A . 
C 3 HOH 21 32 32 HOH HOH A . 
C 3 HOH 22 33 33 HOH HOH A . 
C 3 HOH 23 34 34 HOH HOH A . 
C 3 HOH 24 35 35 HOH HOH A . 
C 3 HOH 25 36 36 HOH HOH A . 
C 3 HOH 26 37 37 HOH HOH A . 
C 3 HOH 27 38 38 HOH HOH A . 
C 3 HOH 28 39 39 HOH HOH A . 
C 3 HOH 29 40 40 HOH HOH A . 
C 3 HOH 30 41 41 HOH HOH A . 
C 3 HOH 31 42 42 HOH HOH A . 
C 3 HOH 32 43 43 HOH HOH A . 
C 3 HOH 33 44 44 HOH HOH A . 
C 3 HOH 34 45 45 HOH HOH A . 
C 3 HOH 35 46 46 HOH HOH A . 
C 3 HOH 36 47 47 HOH HOH A . 
C 3 HOH 37 48 48 HOH HOH A . 
C 3 HOH 38 49 49 HOH HOH A . 
C 3 HOH 39 50 50 HOH HOH A . 
C 3 HOH 40 51 51 HOH HOH A . 
C 3 HOH 41 52 52 HOH HOH A . 
C 3 HOH 42 53 53 HOH HOH A . 
C 3 HOH 43 54 54 HOH HOH A . 
C 3 HOH 44 55 55 HOH HOH A . 
C 3 HOH 45 56 56 HOH HOH A . 
C 3 HOH 46 57 57 HOH HOH A . 
C 3 HOH 47 58 58 HOH HOH A . 
C 3 HOH 48 59 59 HOH HOH A . 
C 3 HOH 49 60 60 HOH HOH A . 
C 3 HOH 50 61 61 HOH HOH A . 
C 3 HOH 51 62 62 HOH HOH A . 
C 3 HOH 52 63 63 HOH HOH A . 
C 3 HOH 53 64 64 HOH HOH A . 
C 3 HOH 54 65 65 HOH HOH A . 
C 3 HOH 55 66 66 HOH HOH A . 
C 3 HOH 56 67 67 HOH HOH A . 
C 3 HOH 57 68 68 HOH HOH A . 
C 3 HOH 58 69 69 HOH HOH A . 
C 3 HOH 59 70 70 HOH HOH A . 
C 3 HOH 60 71 71 HOH HOH A . 
C 3 HOH 61 72 72 HOH HOH A . 
C 3 HOH 62 73 73 HOH HOH A . 
C 3 HOH 63 74 74 HOH HOH A . 
C 3 HOH 64 75 75 HOH HOH A . 
C 3 HOH 65 76 76 HOH HOH A . 
C 3 HOH 66 77 77 HOH HOH A . 
# 
loop_
_software.name 
_software.classification 
_software.version 
_software.citation_id 
_software.pdbx_ordinal 
X-PLOR 'model building' . ? 1 
X-PLOR refinement       . ? 2 
DENZO  'data reduction' . ? 3 
X-PLOR phasing          . ? 4 
# 
_cell.entry_id           335D 
_cell.length_a           27.920 
_cell.length_b           39.210 
_cell.length_c           54.040 
_cell.angle_alpha        90.00 
_cell.angle_beta         90.00 
_cell.angle_gamma        90.00 
_cell.Z_PDB              8 
_cell.pdbx_unique_axis   ? 
# 
_symmetry.entry_id                         335D 
_symmetry.space_group_name_H-M             'I 21 21 21' 
_symmetry.pdbx_full_space_group_name_H-M   ? 
_symmetry.cell_setting                     ? 
_symmetry.Int_Tables_number                24 
# 
_exptl.entry_id          335D 
_exptl.method            'X-RAY DIFFRACTION' 
_exptl.crystals_number   1 
# 
_exptl_crystal.id                    1 
_exptl_crystal.density_meas          ? 
_exptl_crystal.density_percent_sol   46.56 
_exptl_crystal.density_Matthews      2.30 
_exptl_crystal.description           ? 
# 
_exptl_crystal_grow.crystal_id      1 
_exptl_crystal_grow.method          'VAPOR DIFFUSION, SITTING DROP' 
_exptl_crystal_grow.temp            ? 
_exptl_crystal_grow.temp_details    ? 
_exptl_crystal_grow.pH              7.00 
_exptl_crystal_grow.pdbx_details    'pH 7.00, VAPOR DIFFUSION, SITTING DROP' 
_exptl_crystal_grow.pdbx_pH_range   . 
# 
_diffrn.id                     1 
_diffrn.ambient_temp           287.00 
_diffrn.ambient_temp_details   ? 
_diffrn.crystal_id             1 
# 
_diffrn_detector.diffrn_id              1 
_diffrn_detector.detector               'IMAGE PLATE' 
_diffrn_detector.type                   'RIGAKU RAXIS IIC' 
_diffrn_detector.pdbx_collection_date   1996-05-22 
_diffrn_detector.details                'MSC/YALE MIRRORS' 
# 
_diffrn_radiation.diffrn_id                        1 
_diffrn_radiation.wavelength_id                    1 
_diffrn_radiation.pdbx_monochromatic_or_laue_m_l   M 
_diffrn_radiation.monochromator                    ? 
_diffrn_radiation.pdbx_diffrn_protocol             'SINGLE WAVELENGTH' 
_diffrn_radiation.pdbx_scattering_type             x-ray 
# 
_diffrn_radiation_wavelength.id           1 
_diffrn_radiation_wavelength.wavelength   . 
_diffrn_radiation_wavelength.wt           1.0 
# 
_diffrn_source.diffrn_id                   1 
_diffrn_source.source                      'ROTATING ANODE' 
_diffrn_source.type                        ? 
_diffrn_source.pdbx_synchrotron_site       ? 
_diffrn_source.pdbx_synchrotron_beamline   ? 
_diffrn_source.pdbx_wavelength             ? 
_diffrn_source.pdbx_wavelength_list        ? 
# 
_reflns.entry_id                     335D 
_reflns.observed_criterion_sigma_I   ? 
_reflns.observed_criterion_sigma_F   ? 
_reflns.d_resolution_low             8.000 
_reflns.d_resolution_high            2.400 
_reflns.number_obs                   1177 
_reflns.number_all                   ? 
_reflns.percent_possible_obs         96.000 
_reflns.pdbx_Rmerge_I_obs            0.0800000 
_reflns.pdbx_Rsym_value              ? 
_reflns.pdbx_netI_over_sigmaI        ? 
_reflns.B_iso_Wilson_estimate        ? 
_reflns.pdbx_redundancy              ? 
_reflns.R_free_details               ? 
_reflns.pdbx_diffrn_id               1 
_reflns.pdbx_ordinal                 1 
# 
_refine.entry_id                                 335D 
_refine.ls_number_reflns_obs                     1177 
_refine.ls_number_reflns_all                     ? 
_refine.pdbx_ls_sigma_I                          ? 
_refine.pdbx_ls_sigma_F                          2.000 
_refine.pdbx_data_cutoff_high_absF               ? 
_refine.pdbx_data_cutoff_low_absF                ? 
_refine.pdbx_data_cutoff_high_rms_absF           ? 
_refine.ls_d_res_low                             8.000 
_refine.ls_d_res_high                            2.400 
_refine.ls_percent_reflns_obs                    96.000 
_refine.ls_R_factor_obs                          0.2030000 
_refine.ls_R_factor_all                          ? 
_refine.ls_R_factor_R_work                       0.2030000 
_refine.ls_R_factor_R_free                       ? 
_refine.ls_R_factor_R_free_error                 ? 
_refine.ls_R_factor_R_free_error_details         ? 
_refine.ls_percent_reflns_R_free                 ? 
_refine.ls_number_reflns_R_free                  ? 
_refine.ls_number_parameters                     ? 
_refine.ls_number_restraints                     ? 
_refine.occupancy_min                            ? 
_refine.occupancy_max                            ? 
_refine.B_iso_mean                               ? 
_refine.aniso_B[1][1]                            ? 
_refine.aniso_B[2][2]                            ? 
_refine.aniso_B[3][3]                            ? 
_refine.aniso_B[1][2]                            ? 
_refine.aniso_B[1][3]                            ? 
_refine.aniso_B[2][3]                            ? 
_refine.solvent_model_details                    ? 
_refine.solvent_model_param_ksol                 ? 
_refine.solvent_model_param_bsol                 ? 
_refine.pdbx_ls_cross_valid_method               ? 
_refine.details                                  ? 
_refine.pdbx_starting_model                      'PIECE OF UDJ031' 
_refine.pdbx_method_to_determine_struct          ? 
_refine.pdbx_isotropic_thermal_model             ? 
_refine.pdbx_stereochemistry_target_values       ? 
_refine.pdbx_stereochem_target_val_spec_case     ? 
_refine.pdbx_R_Free_selection_details            ? 
_refine.pdbx_overall_ESU_R                       ? 
_refine.pdbx_overall_ESU_R_Free                  ? 
_refine.overall_SU_ML                            ? 
_refine.overall_SU_B                             ? 
_refine.ls_redundancy_reflns_obs                 ? 
_refine.correlation_coeff_Fo_to_Fc               ? 
_refine.correlation_coeff_Fo_to_Fc_free          ? 
_refine.pdbx_solvent_vdw_probe_radii             ? 
_refine.pdbx_solvent_ion_probe_radii             ? 
_refine.pdbx_solvent_shrinkage_radii             ? 
_refine.overall_SU_R_Cruickshank_DPI             ? 
_refine.overall_SU_R_free                        ? 
_refine.pdbx_refine_id                           'X-RAY DIFFRACTION' 
_refine.pdbx_diffrn_id                           1 
_refine.pdbx_TLS_residual_ADP_flag               ? 
_refine.pdbx_overall_phase_error                 ? 
_refine.pdbx_overall_SU_R_free_Cruickshank_DPI   ? 
_refine.pdbx_overall_SU_R_Blow_DPI               ? 
_refine.pdbx_overall_SU_R_free_Blow_DPI          ? 
# 
_refine_hist.pdbx_refine_id                   'X-RAY DIFFRACTION' 
_refine_hist.cycle_id                         LAST 
_refine_hist.pdbx_number_atoms_protein        0 
_refine_hist.pdbx_number_atoms_nucleic_acid   205 
_refine_hist.pdbx_number_atoms_ligand         1 
_refine_hist.number_atoms_solvent             66 
_refine_hist.number_atoms_total               272 
_refine_hist.d_res_high                       2.400 
_refine_hist.d_res_low                        8.000 
# 
loop_
_refine_ls_restr.type 
_refine_ls_restr.dev_ideal 
_refine_ls_restr.dev_ideal_target 
_refine_ls_restr.weight 
_refine_ls_restr.number 
_refine_ls_restr.pdbx_refine_id 
_refine_ls_restr.pdbx_restraint_function 
x_bond_d                0.020 ? ? ? 'X-RAY DIFFRACTION' ? 
x_bond_d_na             ?     ? ? ? 'X-RAY DIFFRACTION' ? 
x_bond_d_prot           ?     ? ? ? 'X-RAY DIFFRACTION' ? 
x_angle_d               ?     ? ? ? 'X-RAY DIFFRACTION' ? 
x_angle_d_na            ?     ? ? ? 'X-RAY DIFFRACTION' ? 
x_angle_d_prot          ?     ? ? ? 'X-RAY DIFFRACTION' ? 
x_angle_deg             2.80  ? ? ? 'X-RAY DIFFRACTION' ? 
x_angle_deg_na          ?     ? ? ? 'X-RAY DIFFRACTION' ? 
x_angle_deg_prot        ?     ? ? ? 'X-RAY DIFFRACTION' ? 
x_dihedral_angle_d      22.1  ? ? ? 'X-RAY DIFFRACTION' ? 
x_dihedral_angle_d_na   ?     ? ? ? 'X-RAY DIFFRACTION' ? 
x_dihedral_angle_d_prot ?     ? ? ? 'X-RAY DIFFRACTION' ? 
x_improper_angle_d      5.10  ? ? ? 'X-RAY DIFFRACTION' ? 
x_improper_angle_d_na   ?     ? ? ? 'X-RAY DIFFRACTION' ? 
x_improper_angle_d_prot ?     ? ? ? 'X-RAY DIFFRACTION' ? 
x_mcbond_it             ?     ? ? ? 'X-RAY DIFFRACTION' ? 
x_mcangle_it            ?     ? ? ? 'X-RAY DIFFRACTION' ? 
x_scbond_it             ?     ? ? ? 'X-RAY DIFFRACTION' ? 
x_scangle_it            ?     ? ? ? 'X-RAY DIFFRACTION' ? 
# 
_pdbx_xplor_file.serial_no        1 
_pdbx_xplor_file.param_file       NDB_TOPOLOGY_FILE.DNA 
_pdbx_xplor_file.topol_file       NDB_PARAMETER_FILE.DNA 
_pdbx_xplor_file.pdbx_refine_id   'X-RAY DIFFRACTION' 
# 
_struct.entry_id                  335D 
_struct.title                     
'THE CRYSTAL STRUCTURE OF THE DNA DECAMER D(GGCAATTGCG) CONTAINS BOTH MAJOR AND MINOR GROOVE BINDING G.(G.C) TRIPLETS' 
_struct.pdbx_model_details        ? 
_struct.pdbx_CASP_flag            ? 
_struct.pdbx_model_type_details   ? 
# 
_struct_keywords.entry_id        335D 
_struct_keywords.pdbx_keywords   DNA 
_struct_keywords.text            'A-DNA, DOUBLE HELIX, FLIPPED-OUT BASE, DNA' 
# 
loop_
_struct_asym.id 
_struct_asym.pdbx_blank_PDB_chainid_flag 
_struct_asym.pdbx_modified 
_struct_asym.entity_id 
_struct_asym.details 
A N N 1 ? 
B N N 2 ? 
C N N 3 ? 
# 
_struct_ref.id                         1 
_struct_ref.entity_id                  1 
_struct_ref.db_name                    PDB 
_struct_ref.db_code                    335D 
_struct_ref.pdbx_db_accession          335D 
_struct_ref.pdbx_db_isoform            ? 
_struct_ref.pdbx_seq_one_letter_code   ? 
_struct_ref.pdbx_align_begin           ? 
# 
_struct_ref_seq.align_id                      1 
_struct_ref_seq.ref_id                        1 
_struct_ref_seq.pdbx_PDB_id_code              335D 
_struct_ref_seq.pdbx_strand_id                A 
_struct_ref_seq.seq_align_beg                 1 
_struct_ref_seq.pdbx_seq_align_beg_ins_code   ? 
_struct_ref_seq.seq_align_end                 10 
_struct_ref_seq.pdbx_seq_align_end_ins_code   ? 
_struct_ref_seq.pdbx_db_accession             335D 
_struct_ref_seq.db_align_beg                  1 
_struct_ref_seq.pdbx_db_align_beg_ins_code    ? 
_struct_ref_seq.db_align_end                  10 
_struct_ref_seq.pdbx_db_align_end_ins_code    ? 
_struct_ref_seq.pdbx_auth_seq_align_beg       1 
_struct_ref_seq.pdbx_auth_seq_align_end       10 
# 
_pdbx_struct_assembly.id                   1 
_pdbx_struct_assembly.details              author_defined_assembly 
_pdbx_struct_assembly.method_details       ? 
_pdbx_struct_assembly.oligomeric_details   dimeric 
_pdbx_struct_assembly.oligomeric_count     2 
# 
_pdbx_struct_assembly_gen.assembly_id       1 
_pdbx_struct_assembly_gen.oper_expression   1,2 
_pdbx_struct_assembly_gen.asym_id_list      A,B,C 
# 
loop_
_pdbx_struct_oper_list.id 
_pdbx_struct_oper_list.type 
_pdbx_struct_oper_list.name 
_pdbx_struct_oper_list.symmetry_operation 
_pdbx_struct_oper_list.matrix[1][1] 
_pdbx_struct_oper_list.matrix[1][2] 
_pdbx_struct_oper_list.matrix[1][3] 
_pdbx_struct_oper_list.vector[1] 
_pdbx_struct_oper_list.matrix[2][1] 
_pdbx_struct_oper_list.matrix[2][2] 
_pdbx_struct_oper_list.matrix[2][3] 
_pdbx_struct_oper_list.vector[2] 
_pdbx_struct_oper_list.matrix[3][1] 
_pdbx_struct_oper_list.matrix[3][2] 
_pdbx_struct_oper_list.matrix[3][3] 
_pdbx_struct_oper_list.vector[3] 
1 'identity operation'         1_555 x,y,z       1.0000000000  0.0000000000 0.0000000000  0.0000000000 0.0000000000 1.0000000000  0.0000000000  0.0000000000  0.0000000000  0.0000000000  1.0000000000  0.0000000000  
2 'crystal symmetry operation' 8_555 x,-y,-z+1/2 -0.7342200459 0.4984792550 -0.4609114410 1.0007459792 0.4984792550 -0.0650853691 -0.8644549306 -1.2308519779 -0.4609114410 -0.8644549306 -0.2006945850 -0.7541057253 
# 
_struct_biol.id                    1 
_struct_biol.pdbx_parent_biol_id   ? 
_struct_biol.details               ? 
# 
loop_
_struct_conn.id 
_struct_conn.conn_type_id 
_struct_conn.pdbx_leaving_atom_flag 
_struct_conn.pdbx_PDB_id 
_struct_conn.ptnr1_label_asym_id 
_struct_conn.ptnr1_label_comp_id 
_struct_conn.ptnr1_label_seq_id 
_struct_conn.ptnr1_label_atom_id 
_struct_conn.pdbx_ptnr1_label_alt_id 
_struct_conn.pdbx_ptnr1_PDB_ins_code 
_struct_conn.pdbx_ptnr1_standard_comp_id 
_struct_conn.ptnr1_symmetry 
_struct_conn.ptnr2_label_asym_id 
_struct_conn.ptnr2_label_comp_id 
_struct_conn.ptnr2_label_seq_id 
_struct_conn.ptnr2_label_atom_id 
_struct_conn.pdbx_ptnr2_label_alt_id 
_struct_conn.pdbx_ptnr2_PDB_ins_code 
_struct_conn.ptnr1_auth_asym_id 
_struct_conn.ptnr1_auth_comp_id 
_struct_conn.ptnr1_auth_seq_id 
_struct_conn.ptnr2_auth_asym_id 
_struct_conn.ptnr2_auth_comp_id 
_struct_conn.ptnr2_auth_seq_id 
_struct_conn.ptnr2_symmetry 
_struct_conn.pdbx_ptnr3_label_atom_id 
_struct_conn.pdbx_ptnr3_label_seq_id 
_struct_conn.pdbx_ptnr3_label_comp_id 
_struct_conn.pdbx_ptnr3_label_asym_id 
_struct_conn.pdbx_ptnr3_label_alt_id 
_struct_conn.pdbx_ptnr3_PDB_ins_code 
_struct_conn.details 
_struct_conn.pdbx_dist_value 
_struct_conn.pdbx_value_order 
_struct_conn.pdbx_role 
metalc1  metalc ? ? A DG 10 N7 ? ? ? 1_555 B MG  . MG ? ? A DG 10 A MG  11 1_555 ? ? ? ? ? ? ?            2.522 ? ? 
metalc2  metalc ? ? A DG 10 N7 ? ? ? 6_555 B MG  . MG ? ? A DG 10 A MG  11 1_555 ? ? ? ? ? ? ?            2.521 ? ? 
metalc3  metalc ? ? B MG .  MG ? ? ? 1_555 C HOH . O  ? ? A MG 11 A HOH 15 1_555 ? ? ? ? ? ? ?            2.077 ? ? 
metalc4  metalc ? ? B MG .  MG ? ? ? 1_555 C HOH . O  ? ? A MG 11 A HOH 15 6_555 ? ? ? ? ? ? ?            2.077 ? ? 
hydrog1  hydrog ? ? A DG 2  N1 ? ? ? 1_555 A DC  9 N3 ? ? A DG 2  A DC  9  8_555 ? ? ? ? ? ? WATSON-CRICK ?     ? ? 
hydrog2  hydrog ? ? A DG 2  N2 ? ? ? 1_555 A DC  9 O2 ? ? A DG 2  A DC  9  8_555 ? ? ? ? ? ? WATSON-CRICK ?     ? ? 
hydrog3  hydrog ? ? A DG 2  O6 ? ? ? 1_555 A DC  9 N4 ? ? A DG 2  A DC  9  8_555 ? ? ? ? ? ? WATSON-CRICK ?     ? ? 
hydrog4  hydrog ? ? A DC 3  N3 ? ? ? 1_555 A DG  8 N1 ? ? A DC 3  A DG  8  8_555 ? ? ? ? ? ? WATSON-CRICK ?     ? ? 
hydrog5  hydrog ? ? A DC 3  N4 ? ? ? 1_555 A DG  8 O6 ? ? A DC 3  A DG  8  8_555 ? ? ? ? ? ? WATSON-CRICK ?     ? ? 
hydrog6  hydrog ? ? A DC 3  O2 ? ? ? 1_555 A DG  8 N2 ? ? A DC 3  A DG  8  8_555 ? ? ? ? ? ? WATSON-CRICK ?     ? ? 
hydrog7  hydrog ? ? A DA 4  N1 ? ? ? 1_555 A DT  7 N3 ? ? A DA 4  A DT  7  8_555 ? ? ? ? ? ? WATSON-CRICK ?     ? ? 
hydrog8  hydrog ? ? A DA 4  N6 ? ? ? 1_555 A DT  7 O4 ? ? A DA 4  A DT  7  8_555 ? ? ? ? ? ? WATSON-CRICK ?     ? ? 
hydrog9  hydrog ? ? A DA 5  N1 ? ? ? 1_555 A DT  6 N3 ? ? A DA 5  A DT  6  8_555 ? ? ? ? ? ? WATSON-CRICK ?     ? ? 
hydrog10 hydrog ? ? A DA 5  N6 ? ? ? 1_555 A DT  6 O4 ? ? A DA 5  A DT  6  8_555 ? ? ? ? ? ? WATSON-CRICK ?     ? ? 
hydrog11 hydrog ? ? A DT 6  N3 ? ? ? 1_555 A DA  5 N1 ? ? A DT 6  A DA  5  8_555 ? ? ? ? ? ? WATSON-CRICK ?     ? ? 
hydrog12 hydrog ? ? A DT 6  O4 ? ? ? 1_555 A DA  5 N6 ? ? A DT 6  A DA  5  8_555 ? ? ? ? ? ? WATSON-CRICK ?     ? ? 
hydrog13 hydrog ? ? A DT 7  N3 ? ? ? 1_555 A DA  4 N1 ? ? A DT 7  A DA  4  8_555 ? ? ? ? ? ? WATSON-CRICK ?     ? ? 
hydrog14 hydrog ? ? A DT 7  O4 ? ? ? 1_555 A DA  4 N6 ? ? A DT 7  A DA  4  8_555 ? ? ? ? ? ? WATSON-CRICK ?     ? ? 
hydrog15 hydrog ? ? A DG 8  N1 ? ? ? 1_555 A DC  3 N3 ? ? A DG 8  A DC  3  8_555 ? ? ? ? ? ? WATSON-CRICK ?     ? ? 
hydrog16 hydrog ? ? A DG 8  N2 ? ? ? 1_555 A DC  3 O2 ? ? A DG 8  A DC  3  8_555 ? ? ? ? ? ? WATSON-CRICK ?     ? ? 
hydrog17 hydrog ? ? A DG 8  O6 ? ? ? 1_555 A DC  3 N4 ? ? A DG 8  A DC  3  8_555 ? ? ? ? ? ? WATSON-CRICK ?     ? ? 
hydrog18 hydrog ? ? A DC 9  N3 ? ? ? 1_555 A DG  2 N1 ? ? A DC 9  A DG  2  8_555 ? ? ? ? ? ? WATSON-CRICK ?     ? ? 
hydrog19 hydrog ? ? A DC 9  N4 ? ? ? 1_555 A DG  2 O6 ? ? A DC 9  A DG  2  8_555 ? ? ? ? ? ? WATSON-CRICK ?     ? ? 
hydrog20 hydrog ? ? A DC 9  O2 ? ? ? 1_555 A DG  2 N2 ? ? A DC 9  A DG  2  8_555 ? ? ? ? ? ? WATSON-CRICK ?     ? ? 
# 
loop_
_struct_conn_type.id 
_struct_conn_type.criteria 
_struct_conn_type.reference 
metalc ? ? 
hydrog ? ? 
# 
loop_
_pdbx_struct_conn_angle.id 
_pdbx_struct_conn_angle.ptnr1_label_atom_id 
_pdbx_struct_conn_angle.ptnr1_label_alt_id 
_pdbx_struct_conn_angle.ptnr1_label_asym_id 
_pdbx_struct_conn_angle.ptnr1_label_comp_id 
_pdbx_struct_conn_angle.ptnr1_label_seq_id 
_pdbx_struct_conn_angle.ptnr1_auth_atom_id 
_pdbx_struct_conn_angle.ptnr1_auth_asym_id 
_pdbx_struct_conn_angle.ptnr1_auth_comp_id 
_pdbx_struct_conn_angle.ptnr1_auth_seq_id 
_pdbx_struct_conn_angle.ptnr1_PDB_ins_code 
_pdbx_struct_conn_angle.ptnr1_symmetry 
_pdbx_struct_conn_angle.ptnr2_label_atom_id 
_pdbx_struct_conn_angle.ptnr2_label_alt_id 
_pdbx_struct_conn_angle.ptnr2_label_asym_id 
_pdbx_struct_conn_angle.ptnr2_label_comp_id 
_pdbx_struct_conn_angle.ptnr2_label_seq_id 
_pdbx_struct_conn_angle.ptnr2_auth_atom_id 
_pdbx_struct_conn_angle.ptnr2_auth_asym_id 
_pdbx_struct_conn_angle.ptnr2_auth_comp_id 
_pdbx_struct_conn_angle.ptnr2_auth_seq_id 
_pdbx_struct_conn_angle.ptnr2_PDB_ins_code 
_pdbx_struct_conn_angle.ptnr2_symmetry 
_pdbx_struct_conn_angle.ptnr3_label_atom_id 
_pdbx_struct_conn_angle.ptnr3_label_alt_id 
_pdbx_struct_conn_angle.ptnr3_label_asym_id 
_pdbx_struct_conn_angle.ptnr3_label_comp_id 
_pdbx_struct_conn_angle.ptnr3_label_seq_id 
_pdbx_struct_conn_angle.ptnr3_auth_atom_id 
_pdbx_struct_conn_angle.ptnr3_auth_asym_id 
_pdbx_struct_conn_angle.ptnr3_auth_comp_id 
_pdbx_struct_conn_angle.ptnr3_auth_seq_id 
_pdbx_struct_conn_angle.ptnr3_PDB_ins_code 
_pdbx_struct_conn_angle.ptnr3_symmetry 
_pdbx_struct_conn_angle.value 
_pdbx_struct_conn_angle.value_esd 
1 N7 ? A DG  10 ? A DG  10 ? 1_555 MG ? B MG . ? A MG 11 ? 1_555 N7 ? A DG  10 ? A DG  10 ? 6_555 171.6 ? 
2 N7 ? A DG  10 ? A DG  10 ? 1_555 MG ? B MG . ? A MG 11 ? 1_555 O  ? C HOH .  ? A HOH 15 ? 1_555 85.8  ? 
3 N7 ? A DG  10 ? A DG  10 ? 6_555 MG ? B MG . ? A MG 11 ? 1_555 O  ? C HOH .  ? A HOH 15 ? 1_555 85.8  ? 
4 N7 ? A DG  10 ? A DG  10 ? 1_555 MG ? B MG . ? A MG 11 ? 1_555 O  ? C HOH .  ? A HOH 15 ? 6_555 85.8  ? 
5 N7 ? A DG  10 ? A DG  10 ? 6_555 MG ? B MG . ? A MG 11 ? 1_555 O  ? C HOH .  ? A HOH 15 ? 6_555 85.8  ? 
6 O  ? C HOH .  ? A HOH 15 ? 1_555 MG ? B MG . ? A MG 11 ? 1_555 O  ? C HOH .  ? A HOH 15 ? 6_555 0.0   ? 
# 
_struct_site.id                   AC1 
_struct_site.pdbx_evidence_code   Software 
_struct_site.pdbx_auth_asym_id    A 
_struct_site.pdbx_auth_comp_id    MG 
_struct_site.pdbx_auth_seq_id     11 
_struct_site.pdbx_auth_ins_code   ? 
_struct_site.pdbx_num_residues    4 
_struct_site.details              'BINDING SITE FOR RESIDUE MG A 11' 
# 
loop_
_struct_site_gen.id 
_struct_site_gen.site_id 
_struct_site_gen.pdbx_num_res 
_struct_site_gen.label_comp_id 
_struct_site_gen.label_asym_id 
_struct_site_gen.label_seq_id 
_struct_site_gen.pdbx_auth_ins_code 
_struct_site_gen.auth_comp_id 
_struct_site_gen.auth_asym_id 
_struct_site_gen.auth_seq_id 
_struct_site_gen.label_atom_id 
_struct_site_gen.label_alt_id 
_struct_site_gen.symmetry 
_struct_site_gen.details 
1 AC1 4 DG  A 10 ? DG  A 10 . ? 1_555 ? 
2 AC1 4 DG  A 10 ? DG  A 10 . ? 6_555 ? 
3 AC1 4 HOH C .  ? HOH A 15 . ? 6_555 ? 
4 AC1 4 HOH C .  ? HOH A 15 . ? 1_555 ? 
# 
loop_
_pdbx_validate_rmsd_bond.id 
_pdbx_validate_rmsd_bond.PDB_model_num 
_pdbx_validate_rmsd_bond.auth_atom_id_1 
_pdbx_validate_rmsd_bond.auth_asym_id_1 
_pdbx_validate_rmsd_bond.auth_comp_id_1 
_pdbx_validate_rmsd_bond.auth_seq_id_1 
_pdbx_validate_rmsd_bond.PDB_ins_code_1 
_pdbx_validate_rmsd_bond.label_alt_id_1 
_pdbx_validate_rmsd_bond.auth_atom_id_2 
_pdbx_validate_rmsd_bond.auth_asym_id_2 
_pdbx_validate_rmsd_bond.auth_comp_id_2 
_pdbx_validate_rmsd_bond.auth_seq_id_2 
_pdbx_validate_rmsd_bond.PDB_ins_code_2 
_pdbx_validate_rmsd_bond.label_alt_id_2 
_pdbx_validate_rmsd_bond.bond_value 
_pdbx_validate_rmsd_bond.bond_target_value 
_pdbx_validate_rmsd_bond.bond_deviation 
_pdbx_validate_rmsd_bond.bond_standard_deviation 
_pdbx_validate_rmsd_bond.linker_flag 
1  1 "C3'" A DG 1  ? ? "C2'" A DG 1  ? ? 1.634 1.518 0.116  0.012 N 
2  1 "O4'" A DG 1  ? ? "C4'" A DG 1  ? ? 1.549 1.449 0.100  0.009 N 
3  1 N1    A DG 1  ? ? C2    A DG 1  ? ? 1.430 1.373 0.057  0.008 N 
4  1 C2    A DG 1  ? ? N3    A DG 1  ? ? 1.245 1.323 -0.078 0.008 N 
5  1 C6    A DG 1  ? ? N1    A DG 1  ? ? 1.441 1.391 0.050  0.007 N 
6  1 N7    A DG 1  ? ? C8    A DG 1  ? ? 1.341 1.305 0.036  0.006 N 
7  1 C8    A DG 1  ? ? N9    A DG 1  ? ? 1.450 1.374 0.076  0.007 N 
8  1 N9    A DG 1  ? ? C4    A DG 1  ? ? 1.315 1.375 -0.060 0.008 N 
9  1 "O3'" A DG 1  ? ? P     A DG 2  ? ? 1.693 1.607 0.086  0.012 Y 
10 1 C5    A DG 10 ? ? C6    A DG 10 ? ? 1.356 1.419 -0.063 0.010 N 
# 
loop_
_pdbx_validate_rmsd_angle.id 
_pdbx_validate_rmsd_angle.PDB_model_num 
_pdbx_validate_rmsd_angle.auth_atom_id_1 
_pdbx_validate_rmsd_angle.auth_asym_id_1 
_pdbx_validate_rmsd_angle.auth_comp_id_1 
_pdbx_validate_rmsd_angle.auth_seq_id_1 
_pdbx_validate_rmsd_angle.PDB_ins_code_1 
_pdbx_validate_rmsd_angle.label_alt_id_1 
_pdbx_validate_rmsd_angle.auth_atom_id_2 
_pdbx_validate_rmsd_angle.auth_asym_id_2 
_pdbx_validate_rmsd_angle.auth_comp_id_2 
_pdbx_validate_rmsd_angle.auth_seq_id_2 
_pdbx_validate_rmsd_angle.PDB_ins_code_2 
_pdbx_validate_rmsd_angle.label_alt_id_2 
_pdbx_validate_rmsd_angle.auth_atom_id_3 
_pdbx_validate_rmsd_angle.auth_asym_id_3 
_pdbx_validate_rmsd_angle.auth_comp_id_3 
_pdbx_validate_rmsd_angle.auth_seq_id_3 
_pdbx_validate_rmsd_angle.PDB_ins_code_3 
_pdbx_validate_rmsd_angle.label_alt_id_3 
_pdbx_validate_rmsd_angle.angle_value 
_pdbx_validate_rmsd_angle.angle_target_value 
_pdbx_validate_rmsd_angle.angle_deviation 
_pdbx_validate_rmsd_angle.angle_standard_deviation 
_pdbx_validate_rmsd_angle.linker_flag 
1  1 "O5'" A DG 1 ? ? "C5'" A DG 1 ? ? "C4'" A DG 1 ? ? 130.32 111.00 19.32  2.50 N 
2  1 "O4'" A DG 1 ? ? "C4'" A DG 1 ? ? "C3'" A DG 1 ? ? 100.40 104.50 -4.10  0.40 N 
3  1 "C5'" A DG 1 ? ? "C4'" A DG 1 ? ? "C3'" A DG 1 ? ? 87.26  114.10 -26.84 1.80 N 
4  1 "C1'" A DG 1 ? ? "O4'" A DG 1 ? ? "C4'" A DG 1 ? ? 102.94 110.10 -7.16  1.00 N 
5  1 "C4'" A DG 1 ? ? "C3'" A DG 1 ? ? "C2'" A DG 1 ? ? 108.62 103.10 5.52   0.90 N 
6  1 "C3'" A DG 1 ? ? "C2'" A DG 1 ? ? "C1'" A DG 1 ? ? 87.15  102.40 -15.25 0.80 N 
7  1 "O4'" A DG 1 ? ? "C1'" A DG 1 ? ? "C2'" A DG 1 ? ? 111.14 106.80 4.34   0.50 N 
8  1 N9    A DG 1 ? ? "C1'" A DG 1 ? ? "C2'" A DG 1 ? ? 128.71 114.30 14.41  1.40 N 
9  1 "O4'" A DG 1 ? ? "C1'" A DG 1 ? ? N9    A DG 1 ? ? 111.86 108.30 3.56   0.30 N 
10 1 N3    A DG 1 ? ? C4    A DG 1 ? ? C5    A DG 1 ? ? 132.49 128.60 3.89   0.50 N 
11 1 C8    A DG 1 ? ? N9    A DG 1 ? ? C4    A DG 1 ? ? 103.64 106.40 -2.76  0.40 N 
12 1 N9    A DG 1 ? ? C4    A DG 1 ? ? C5    A DG 1 ? ? 112.22 105.40 6.82   0.40 N 
13 1 N3    A DG 1 ? ? C4    A DG 1 ? ? N9    A DG 1 ? ? 115.29 126.00 -10.71 0.60 N 
14 1 N1    A DG 1 ? ? C2    A DG 1 ? ? N2    A DG 1 ? ? 124.09 116.20 7.89   0.90 N 
15 1 N3    A DG 1 ? ? C2    A DG 1 ? ? N2    A DG 1 ? ? 112.78 119.90 -7.12  0.70 N 
16 1 N1    A DG 1 ? ? C6    A DG 1 ? ? O6    A DG 1 ? ? 123.58 119.90 3.68   0.60 N 
17 1 C8    A DG 1 ? ? N9    A DG 1 ? ? "C1'" A DG 1 ? ? 139.28 127.00 12.28  1.30 N 
18 1 C4    A DG 1 ? ? N9    A DG 1 ? ? "C1'" A DG 1 ? ? 117.05 126.50 -9.45  1.30 N 
19 1 "O4'" A DA 4 ? ? "C1'" A DA 4 ? ? N9    A DA 4 ? ? 111.30 108.30 3.00   0.30 N 
20 1 "O4'" A DT 6 ? ? "C1'" A DT 6 ? ? N1    A DT 6 ? ? 110.55 108.30 2.25   0.30 N 
# 
_pdbx_validate_planes.id              1 
_pdbx_validate_planes.PDB_model_num   1 
_pdbx_validate_planes.auth_comp_id    DG 
_pdbx_validate_planes.auth_asym_id    A 
_pdbx_validate_planes.auth_seq_id     2 
_pdbx_validate_planes.PDB_ins_code    ? 
_pdbx_validate_planes.label_alt_id    ? 
_pdbx_validate_planes.rmsd            0.052 
_pdbx_validate_planes.type            'SIDE CHAIN' 
# 
loop_
_pdbx_struct_special_symmetry.id 
_pdbx_struct_special_symmetry.PDB_model_num 
_pdbx_struct_special_symmetry.auth_asym_id 
_pdbx_struct_special_symmetry.auth_comp_id 
_pdbx_struct_special_symmetry.auth_seq_id 
_pdbx_struct_special_symmetry.PDB_ins_code 
_pdbx_struct_special_symmetry.label_asym_id 
_pdbx_struct_special_symmetry.label_comp_id 
_pdbx_struct_special_symmetry.label_seq_id 
1 1 A MG  11 ? B MG  . 
2 1 A HOH 12 ? C HOH . 
3 1 A HOH 13 ? C HOH . 
4 1 A HOH 14 ? C HOH . 
5 1 A HOH 15 ? C HOH . 
6 1 A HOH 16 ? C HOH . 
7 1 A HOH 17 ? C HOH . 
8 1 A HOH 18 ? C HOH . 
# 
loop_
_refine_B_iso.class 
_refine_B_iso.details 
_refine_B_iso.treatment 
_refine_B_iso.pdbx_refine_id 
'ALL ATOMS'  TF isotropic 'X-RAY DIFFRACTION' 
'ALL WATERS' TF isotropic 'X-RAY DIFFRACTION' 
# 
loop_
_refine_occupancy.class 
_refine_occupancy.treatment 
_refine_occupancy.pdbx_refine_id 
'ALL ATOMS'  fix 'X-RAY DIFFRACTION' 
'ALL WATERS' fix 'X-RAY DIFFRACTION' 
# 
loop_
_chem_comp_atom.comp_id 
_chem_comp_atom.atom_id 
_chem_comp_atom.type_symbol 
_chem_comp_atom.pdbx_aromatic_flag 
_chem_comp_atom.pdbx_stereo_config 
_chem_comp_atom.pdbx_ordinal 
DA  OP3    O  N N 1   
DA  P      P  N N 2   
DA  OP1    O  N N 3   
DA  OP2    O  N N 4   
DA  "O5'"  O  N N 5   
DA  "C5'"  C  N N 6   
DA  "C4'"  C  N R 7   
DA  "O4'"  O  N N 8   
DA  "C3'"  C  N S 9   
DA  "O3'"  O  N N 10  
DA  "C2'"  C  N N 11  
DA  "C1'"  C  N R 12  
DA  N9     N  Y N 13  
DA  C8     C  Y N 14  
DA  N7     N  Y N 15  
DA  C5     C  Y N 16  
DA  C6     C  Y N 17  
DA  N6     N  N N 18  
DA  N1     N  Y N 19  
DA  C2     C  Y N 20  
DA  N3     N  Y N 21  
DA  C4     C  Y N 22  
DA  HOP3   H  N N 23  
DA  HOP2   H  N N 24  
DA  "H5'"  H  N N 25  
DA  "H5''" H  N N 26  
DA  "H4'"  H  N N 27  
DA  "H3'"  H  N N 28  
DA  "HO3'" H  N N 29  
DA  "H2'"  H  N N 30  
DA  "H2''" H  N N 31  
DA  "H1'"  H  N N 32  
DA  H8     H  N N 33  
DA  H61    H  N N 34  
DA  H62    H  N N 35  
DA  H2     H  N N 36  
DC  OP3    O  N N 37  
DC  P      P  N N 38  
DC  OP1    O  N N 39  
DC  OP2    O  N N 40  
DC  "O5'"  O  N N 41  
DC  "C5'"  C  N N 42  
DC  "C4'"  C  N R 43  
DC  "O4'"  O  N N 44  
DC  "C3'"  C  N S 45  
DC  "O3'"  O  N N 46  
DC  "C2'"  C  N N 47  
DC  "C1'"  C  N R 48  
DC  N1     N  N N 49  
DC  C2     C  N N 50  
DC  O2     O  N N 51  
DC  N3     N  N N 52  
DC  C4     C  N N 53  
DC  N4     N  N N 54  
DC  C5     C  N N 55  
DC  C6     C  N N 56  
DC  HOP3   H  N N 57  
DC  HOP2   H  N N 58  
DC  "H5'"  H  N N 59  
DC  "H5''" H  N N 60  
DC  "H4'"  H  N N 61  
DC  "H3'"  H  N N 62  
DC  "HO3'" H  N N 63  
DC  "H2'"  H  N N 64  
DC  "H2''" H  N N 65  
DC  "H1'"  H  N N 66  
DC  H41    H  N N 67  
DC  H42    H  N N 68  
DC  H5     H  N N 69  
DC  H6     H  N N 70  
DG  OP3    O  N N 71  
DG  P      P  N N 72  
DG  OP1    O  N N 73  
DG  OP2    O  N N 74  
DG  "O5'"  O  N N 75  
DG  "C5'"  C  N N 76  
DG  "C4'"  C  N R 77  
DG  "O4'"  O  N N 78  
DG  "C3'"  C  N S 79  
DG  "O3'"  O  N N 80  
DG  "C2'"  C  N N 81  
DG  "C1'"  C  N R 82  
DG  N9     N  Y N 83  
DG  C8     C  Y N 84  
DG  N7     N  Y N 85  
DG  C5     C  Y N 86  
DG  C6     C  N N 87  
DG  O6     O  N N 88  
DG  N1     N  N N 89  
DG  C2     C  N N 90  
DG  N2     N  N N 91  
DG  N3     N  N N 92  
DG  C4     C  Y N 93  
DG  HOP3   H  N N 94  
DG  HOP2   H  N N 95  
DG  "H5'"  H  N N 96  
DG  "H5''" H  N N 97  
DG  "H4'"  H  N N 98  
DG  "H3'"  H  N N 99  
DG  "HO3'" H  N N 100 
DG  "H2'"  H  N N 101 
DG  "H2''" H  N N 102 
DG  "H1'"  H  N N 103 
DG  H8     H  N N 104 
DG  H1     H  N N 105 
DG  H21    H  N N 106 
DG  H22    H  N N 107 
DT  OP3    O  N N 108 
DT  P      P  N N 109 
DT  OP1    O  N N 110 
DT  OP2    O  N N 111 
DT  "O5'"  O  N N 112 
DT  "C5'"  C  N N 113 
DT  "C4'"  C  N R 114 
DT  "O4'"  O  N N 115 
DT  "C3'"  C  N S 116 
DT  "O3'"  O  N N 117 
DT  "C2'"  C  N N 118 
DT  "C1'"  C  N R 119 
DT  N1     N  N N 120 
DT  C2     C  N N 121 
DT  O2     O  N N 122 
DT  N3     N  N N 123 
DT  C4     C  N N 124 
DT  O4     O  N N 125 
DT  C5     C  N N 126 
DT  C7     C  N N 127 
DT  C6     C  N N 128 
DT  HOP3   H  N N 129 
DT  HOP2   H  N N 130 
DT  "H5'"  H  N N 131 
DT  "H5''" H  N N 132 
DT  "H4'"  H  N N 133 
DT  "H3'"  H  N N 134 
DT  "HO3'" H  N N 135 
DT  "H2'"  H  N N 136 
DT  "H2''" H  N N 137 
DT  "H1'"  H  N N 138 
DT  H3     H  N N 139 
DT  H71    H  N N 140 
DT  H72    H  N N 141 
DT  H73    H  N N 142 
DT  H6     H  N N 143 
HOH O      O  N N 144 
HOH H1     H  N N 145 
HOH H2     H  N N 146 
MG  MG     MG N N 147 
# 
loop_
_chem_comp_bond.comp_id 
_chem_comp_bond.atom_id_1 
_chem_comp_bond.atom_id_2 
_chem_comp_bond.value_order 
_chem_comp_bond.pdbx_aromatic_flag 
_chem_comp_bond.pdbx_stereo_config 
_chem_comp_bond.pdbx_ordinal 
DA  OP3   P      sing N N 1   
DA  OP3   HOP3   sing N N 2   
DA  P     OP1    doub N N 3   
DA  P     OP2    sing N N 4   
DA  P     "O5'"  sing N N 5   
DA  OP2   HOP2   sing N N 6   
DA  "O5'" "C5'"  sing N N 7   
DA  "C5'" "C4'"  sing N N 8   
DA  "C5'" "H5'"  sing N N 9   
DA  "C5'" "H5''" sing N N 10  
DA  "C4'" "O4'"  sing N N 11  
DA  "C4'" "C3'"  sing N N 12  
DA  "C4'" "H4'"  sing N N 13  
DA  "O4'" "C1'"  sing N N 14  
DA  "C3'" "O3'"  sing N N 15  
DA  "C3'" "C2'"  sing N N 16  
DA  "C3'" "H3'"  sing N N 17  
DA  "O3'" "HO3'" sing N N 18  
DA  "C2'" "C1'"  sing N N 19  
DA  "C2'" "H2'"  sing N N 20  
DA  "C2'" "H2''" sing N N 21  
DA  "C1'" N9     sing N N 22  
DA  "C1'" "H1'"  sing N N 23  
DA  N9    C8     sing Y N 24  
DA  N9    C4     sing Y N 25  
DA  C8    N7     doub Y N 26  
DA  C8    H8     sing N N 27  
DA  N7    C5     sing Y N 28  
DA  C5    C6     sing Y N 29  
DA  C5    C4     doub Y N 30  
DA  C6    N6     sing N N 31  
DA  C6    N1     doub Y N 32  
DA  N6    H61    sing N N 33  
DA  N6    H62    sing N N 34  
DA  N1    C2     sing Y N 35  
DA  C2    N3     doub Y N 36  
DA  C2    H2     sing N N 37  
DA  N3    C4     sing Y N 38  
DC  OP3   P      sing N N 39  
DC  OP3   HOP3   sing N N 40  
DC  P     OP1    doub N N 41  
DC  P     OP2    sing N N 42  
DC  P     "O5'"  sing N N 43  
DC  OP2   HOP2   sing N N 44  
DC  "O5'" "C5'"  sing N N 45  
DC  "C5'" "C4'"  sing N N 46  
DC  "C5'" "H5'"  sing N N 47  
DC  "C5'" "H5''" sing N N 48  
DC  "C4'" "O4'"  sing N N 49  
DC  "C4'" "C3'"  sing N N 50  
DC  "C4'" "H4'"  sing N N 51  
DC  "O4'" "C1'"  sing N N 52  
DC  "C3'" "O3'"  sing N N 53  
DC  "C3'" "C2'"  sing N N 54  
DC  "C3'" "H3'"  sing N N 55  
DC  "O3'" "HO3'" sing N N 56  
DC  "C2'" "C1'"  sing N N 57  
DC  "C2'" "H2'"  sing N N 58  
DC  "C2'" "H2''" sing N N 59  
DC  "C1'" N1     sing N N 60  
DC  "C1'" "H1'"  sing N N 61  
DC  N1    C2     sing N N 62  
DC  N1    C6     sing N N 63  
DC  C2    O2     doub N N 64  
DC  C2    N3     sing N N 65  
DC  N3    C4     doub N N 66  
DC  C4    N4     sing N N 67  
DC  C4    C5     sing N N 68  
DC  N4    H41    sing N N 69  
DC  N4    H42    sing N N 70  
DC  C5    C6     doub N N 71  
DC  C5    H5     sing N N 72  
DC  C6    H6     sing N N 73  
DG  OP3   P      sing N N 74  
DG  OP3   HOP3   sing N N 75  
DG  P     OP1    doub N N 76  
DG  P     OP2    sing N N 77  
DG  P     "O5'"  sing N N 78  
DG  OP2   HOP2   sing N N 79  
DG  "O5'" "C5'"  sing N N 80  
DG  "C5'" "C4'"  sing N N 81  
DG  "C5'" "H5'"  sing N N 82  
DG  "C5'" "H5''" sing N N 83  
DG  "C4'" "O4'"  sing N N 84  
DG  "C4'" "C3'"  sing N N 85  
DG  "C4'" "H4'"  sing N N 86  
DG  "O4'" "C1'"  sing N N 87  
DG  "C3'" "O3'"  sing N N 88  
DG  "C3'" "C2'"  sing N N 89  
DG  "C3'" "H3'"  sing N N 90  
DG  "O3'" "HO3'" sing N N 91  
DG  "C2'" "C1'"  sing N N 92  
DG  "C2'" "H2'"  sing N N 93  
DG  "C2'" "H2''" sing N N 94  
DG  "C1'" N9     sing N N 95  
DG  "C1'" "H1'"  sing N N 96  
DG  N9    C8     sing Y N 97  
DG  N9    C4     sing Y N 98  
DG  C8    N7     doub Y N 99  
DG  C8    H8     sing N N 100 
DG  N7    C5     sing Y N 101 
DG  C5    C6     sing N N 102 
DG  C5    C4     doub Y N 103 
DG  C6    O6     doub N N 104 
DG  C6    N1     sing N N 105 
DG  N1    C2     sing N N 106 
DG  N1    H1     sing N N 107 
DG  C2    N2     sing N N 108 
DG  C2    N3     doub N N 109 
DG  N2    H21    sing N N 110 
DG  N2    H22    sing N N 111 
DG  N3    C4     sing N N 112 
DT  OP3   P      sing N N 113 
DT  OP3   HOP3   sing N N 114 
DT  P     OP1    doub N N 115 
DT  P     OP2    sing N N 116 
DT  P     "O5'"  sing N N 117 
DT  OP2   HOP2   sing N N 118 
DT  "O5'" "C5'"  sing N N 119 
DT  "C5'" "C4'"  sing N N 120 
DT  "C5'" "H5'"  sing N N 121 
DT  "C5'" "H5''" sing N N 122 
DT  "C4'" "O4'"  sing N N 123 
DT  "C4'" "C3'"  sing N N 124 
DT  "C4'" "H4'"  sing N N 125 
DT  "O4'" "C1'"  sing N N 126 
DT  "C3'" "O3'"  sing N N 127 
DT  "C3'" "C2'"  sing N N 128 
DT  "C3'" "H3'"  sing N N 129 
DT  "O3'" "HO3'" sing N N 130 
DT  "C2'" "C1'"  sing N N 131 
DT  "C2'" "H2'"  sing N N 132 
DT  "C2'" "H2''" sing N N 133 
DT  "C1'" N1     sing N N 134 
DT  "C1'" "H1'"  sing N N 135 
DT  N1    C2     sing N N 136 
DT  N1    C6     sing N N 137 
DT  C2    O2     doub N N 138 
DT  C2    N3     sing N N 139 
DT  N3    C4     sing N N 140 
DT  N3    H3     sing N N 141 
DT  C4    O4     doub N N 142 
DT  C4    C5     sing N N 143 
DT  C5    C7     sing N N 144 
DT  C5    C6     doub N N 145 
DT  C7    H71    sing N N 146 
DT  C7    H72    sing N N 147 
DT  C7    H73    sing N N 148 
DT  C6    H6     sing N N 149 
HOH O     H1     sing N N 150 
HOH O     H2     sing N N 151 
# 
_ndb_struct_conf_na.entry_id   335D 
_ndb_struct_conf_na.feature    'b-form double helix' 
# 
loop_
_ndb_struct_na_base_pair.model_number 
_ndb_struct_na_base_pair.i_label_asym_id 
_ndb_struct_na_base_pair.i_label_comp_id 
_ndb_struct_na_base_pair.i_label_seq_id 
_ndb_struct_na_base_pair.i_symmetry 
_ndb_struct_na_base_pair.j_label_asym_id 
_ndb_struct_na_base_pair.j_label_comp_id 
_ndb_struct_na_base_pair.j_label_seq_id 
_ndb_struct_na_base_pair.j_symmetry 
_ndb_struct_na_base_pair.shear 
_ndb_struct_na_base_pair.stretch 
_ndb_struct_na_base_pair.stagger 
_ndb_struct_na_base_pair.buckle 
_ndb_struct_na_base_pair.propeller 
_ndb_struct_na_base_pair.opening 
_ndb_struct_na_base_pair.pair_number 
_ndb_struct_na_base_pair.pair_name 
_ndb_struct_na_base_pair.i_auth_asym_id 
_ndb_struct_na_base_pair.i_auth_seq_id 
_ndb_struct_na_base_pair.i_PDB_ins_code 
_ndb_struct_na_base_pair.j_auth_asym_id 
_ndb_struct_na_base_pair.j_auth_seq_id 
_ndb_struct_na_base_pair.j_PDB_ins_code 
_ndb_struct_na_base_pair.hbond_type_28 
_ndb_struct_na_base_pair.hbond_type_12 
1 A DG 2 1_555 A DC 9 8_555 -0.267 -0.158 0.633  2.539  5.306   -1.616 1 A_DG2:DC9_A A 2 ? A 9 ? 19 1 
1 A DC 3 1_555 A DG 8 8_555 -0.480 -0.028 0.171  -3.478 -8.606  -3.893 2 A_DC3:DG8_A A 3 ? A 8 ? 19 1 
1 A DA 4 1_555 A DT 7 8_555 0.519  0.054  0.051  9.666  -28.233 -7.281 3 A_DA4:DT7_A A 4 ? A 7 ? 20 1 
1 A DA 5 1_555 A DT 6 8_555 0.728  -0.222 -0.081 -2.614 -25.275 -1.217 4 A_DA5:DT6_A A 5 ? A 6 ? 20 1 
1 A DT 6 1_555 A DA 5 8_555 -0.728 -0.222 -0.081 2.614  -25.275 -1.217 5 A_DT6:DA5_A A 6 ? A 5 ? 20 1 
1 A DT 7 1_555 A DA 4 8_555 -0.519 0.054  0.051  -9.666 -28.233 -7.281 6 A_DT7:DA4_A A 7 ? A 4 ? 20 1 
1 A DG 8 1_555 A DC 3 8_555 0.480  -0.028 0.171  3.478  -8.606  -3.893 7 A_DG8:DC3_A A 8 ? A 3 ? 19 1 
1 A DC 9 1_555 A DG 2 8_555 0.267  -0.158 0.633  -2.539 5.306   -1.616 8 A_DC9:DG2_A A 9 ? A 2 ? 19 1 
# 
loop_
_ndb_struct_na_base_pair_step.model_number 
_ndb_struct_na_base_pair_step.i_label_asym_id_1 
_ndb_struct_na_base_pair_step.i_label_comp_id_1 
_ndb_struct_na_base_pair_step.i_label_seq_id_1 
_ndb_struct_na_base_pair_step.i_symmetry_1 
_ndb_struct_na_base_pair_step.j_label_asym_id_1 
_ndb_struct_na_base_pair_step.j_label_comp_id_1 
_ndb_struct_na_base_pair_step.j_label_seq_id_1 
_ndb_struct_na_base_pair_step.j_symmetry_1 
_ndb_struct_na_base_pair_step.i_label_asym_id_2 
_ndb_struct_na_base_pair_step.i_label_comp_id_2 
_ndb_struct_na_base_pair_step.i_label_seq_id_2 
_ndb_struct_na_base_pair_step.i_symmetry_2 
_ndb_struct_na_base_pair_step.j_label_asym_id_2 
_ndb_struct_na_base_pair_step.j_label_comp_id_2 
_ndb_struct_na_base_pair_step.j_label_seq_id_2 
_ndb_struct_na_base_pair_step.j_symmetry_2 
_ndb_struct_na_base_pair_step.shift 
_ndb_struct_na_base_pair_step.slide 
_ndb_struct_na_base_pair_step.rise 
_ndb_struct_na_base_pair_step.tilt 
_ndb_struct_na_base_pair_step.roll 
_ndb_struct_na_base_pair_step.twist 
_ndb_struct_na_base_pair_step.x_displacement 
_ndb_struct_na_base_pair_step.y_displacement 
_ndb_struct_na_base_pair_step.helical_rise 
_ndb_struct_na_base_pair_step.inclination 
_ndb_struct_na_base_pair_step.tip 
_ndb_struct_na_base_pair_step.helical_twist 
_ndb_struct_na_base_pair_step.step_number 
_ndb_struct_na_base_pair_step.step_name 
_ndb_struct_na_base_pair_step.i_auth_asym_id_1 
_ndb_struct_na_base_pair_step.i_auth_seq_id_1 
_ndb_struct_na_base_pair_step.i_PDB_ins_code_1 
_ndb_struct_na_base_pair_step.j_auth_asym_id_1 
_ndb_struct_na_base_pair_step.j_auth_seq_id_1 
_ndb_struct_na_base_pair_step.j_PDB_ins_code_1 
_ndb_struct_na_base_pair_step.i_auth_asym_id_2 
_ndb_struct_na_base_pair_step.i_auth_seq_id_2 
_ndb_struct_na_base_pair_step.i_PDB_ins_code_2 
_ndb_struct_na_base_pair_step.j_auth_asym_id_2 
_ndb_struct_na_base_pair_step.j_auth_seq_id_2 
_ndb_struct_na_base_pair_step.j_PDB_ins_code_2 
1 A DG 2 1_555 A DC 9 8_555 A DC 3 1_555 A DG 8 8_555 0.310  0.051  3.740 4.617  -6.229 30.741 1.414  0.411  3.666 -11.521 -8.540 
31.681 1 AA_DG2DC3:DG8DC9_AA A 2 ? A 9 ? A 3 ? A 8 ? 
1 A DC 3 1_555 A DG 8 8_555 A DA 4 1_555 A DT 7 8_555 0.036  0.737  3.174 2.573  6.319  38.513 0.350  0.252  3.246 9.489   -3.864 
39.090 2 AA_DC3DA4:DT7DG8_AA A 3 ? A 8 ? A 4 ? A 7 ? 
1 A DA 4 1_555 A DT 7 8_555 A DA 5 1_555 A DT 6 8_555 -0.078 -0.152 3.338 -3.619 4.649  39.562 -0.766 -0.310 3.294 6.822   5.311  
39.981 3 AA_DA4DA5:DT6DT7_AA A 4 ? A 7 ? A 5 ? A 6 ? 
1 A DA 5 1_555 A DT 6 8_555 A DT 6 1_555 A DA 5 8_555 0.000  -0.908 3.286 0.000  -8.740 30.271 0.031  0.000  3.409 -16.314 0.000  
31.480 4 AA_DA5DT6:DA5DT6_AA A 5 ? A 6 ? A 6 ? A 5 ? 
1 A DT 6 1_555 A DA 5 8_555 A DT 7 1_555 A DA 4 8_555 0.078  -0.152 3.338 3.619  4.649  39.562 -0.766 0.310  3.294 6.822   -5.311 
39.981 5 AA_DT6DT7:DA4DA5_AA A 6 ? A 5 ? A 7 ? A 4 ? 
1 A DT 7 1_555 A DA 4 8_555 A DG 8 1_555 A DC 3 8_555 -0.036 0.737  3.174 -2.573 6.319  38.513 0.350  -0.252 3.246 9.489   3.864  
39.090 6 AA_DT7DG8:DC3DA4_AA A 7 ? A 4 ? A 8 ? A 3 ? 
1 A DG 8 1_555 A DC 3 8_555 A DC 9 1_555 A DG 2 8_555 -0.310 0.051  3.740 -4.617 -6.229 30.741 1.414  -0.411 3.666 -11.521 8.540  
31.681 7 AA_DG8DC9:DG2DC3_AA A 8 ? A 3 ? A 9 ? A 2 ? 
# 
_pdbx_initial_refinement_model.accession_code   237D 
_pdbx_initial_refinement_model.id               1 
_pdbx_initial_refinement_model.entity_id_list   ? 
_pdbx_initial_refinement_model.type             'experimental model' 
_pdbx_initial_refinement_model.source_name      PDB 
_pdbx_initial_refinement_model.details          'PIECE OF UDJ031' 
# 
_atom_sites.entry_id                    335D 
_atom_sites.fract_transf_matrix[1][1]   -0.01305676 
_atom_sites.fract_transf_matrix[1][2]   -0.02448839 
_atom_sites.fract_transf_matrix[1][3]   0.02264282 
_atom_sites.fract_transf_matrix[2][1]   0.01016686 
_atom_sites.fract_transf_matrix[2][2]   0.01272545 
_atom_sites.fract_transf_matrix[2][3]   0.01962529 
_atom_sites.fract_transf_matrix[3][1]   -0.01557279 
_atom_sites.fract_transf_matrix[3][2]   0.00985437 
_atom_sites.fract_transf_matrix[3][3]   0.00167768 
_atom_sites.fract_transf_vector[1]      0.294752 
_atom_sites.fract_transf_vector[2]      0.010144 
_atom_sites.fract_transf_vector[3]      0.264492 
# 
loop_
_atom_type.symbol 
C  
MG 
N  
O  
P  
# 
loop_
_atom_site.group_PDB 
_atom_site.id 
_atom_site.type_symbol 
_atom_site.label_atom_id 
_atom_site.label_alt_id 
_atom_site.label_comp_id 
_atom_site.label_asym_id 
_atom_site.label_entity_id 
_atom_site.label_seq_id 
_atom_site.pdbx_PDB_ins_code 
_atom_site.Cartn_x 
_atom_site.Cartn_y 
_atom_site.Cartn_z 
_atom_site.occupancy 
_atom_site.B_iso_or_equiv 
_atom_site.pdbx_formal_charge 
_atom_site.auth_seq_id 
_atom_site.auth_comp_id 
_atom_site.auth_asym_id 
_atom_site.auth_atom_id 
_atom_site.pdbx_PDB_model_num 
ATOM   1   O  "O5'" . DG  A 1 1  ? -13.409 8.517   12.016  1.00 75.75 ? 1  DG  A "O5'" 1 
ATOM   2   C  "C5'" . DG  A 1 1  ? -12.461 8.284   10.908  1.00 73.84 ? 1  DG  A "C5'" 1 
ATOM   3   C  "C4'" . DG  A 1 1  ? -12.653 8.384   9.462   1.00 71.89 ? 1  DG  A "C4'" 1 
ATOM   4   O  "O4'" . DG  A 1 1  ? -12.385 9.805   8.905   1.00 72.37 ? 1  DG  A "O4'" 1 
ATOM   5   C  "C3'" . DG  A 1 1  ? -11.231 7.746   9.304   1.00 70.69 ? 1  DG  A "C3'" 1 
ATOM   6   O  "O3'" . DG  A 1 1  ? -11.452 6.644   8.351   1.00 66.93 ? 1  DG  A "O3'" 1 
ATOM   7   C  "C2'" . DG  A 1 1  ? -10.137 8.946   9.131   1.00 71.20 ? 1  DG  A "C2'" 1 
ATOM   8   C  "C1'" . DG  A 1 1  ? -11.169 9.655   8.242   1.00 71.75 ? 1  DG  A "C1'" 1 
ATOM   9   N  N9    . DG  A 1 1  ? -10.944 10.756  7.214   1.00 73.06 ? 1  DG  A N9    1 
ATOM   10  C  C8    . DG  A 1 1  ? -10.307 12.056  7.116   1.00 73.97 ? 1  DG  A C8    1 
ATOM   11  N  N7    . DG  A 1 1  ? -10.431 12.548  5.875   1.00 74.05 ? 1  DG  A N7    1 
ATOM   12  C  C5    . DG  A 1 1  ? -11.140 11.568  5.172   1.00 72.98 ? 1  DG  A C5    1 
ATOM   13  C  C6    . DG  A 1 1  ? -11.602 11.462  3.815   1.00 72.24 ? 1  DG  A C6    1 
ATOM   14  O  O6    . DG  A 1 1  ? -11.454 12.301  2.914   1.00 71.01 ? 1  DG  A O6    1 
ATOM   15  N  N1    . DG  A 1 1  ? -12.285 10.207  3.632   1.00 71.20 ? 1  DG  A N1    1 
ATOM   16  C  C2    . DG  A 1 1  ? -12.455 9.239   4.670   1.00 72.35 ? 1  DG  A C2    1 
ATOM   17  N  N2    . DG  A 1 1  ? -13.069 8.075   4.508   1.00 72.40 ? 1  DG  A N2    1 
ATOM   18  N  N3    . DG  A 1 1  ? -12.030 9.401   5.829   1.00 72.61 ? 1  DG  A N3    1 
ATOM   19  C  C4    . DG  A 1 1  ? -11.402 10.544  6.000   1.00 73.02 ? 1  DG  A C4    1 
ATOM   20  P  P     . DG  A 1 2  ? -11.818 5.072   8.860   1.00 63.71 ? 2  DG  A P     1 
ATOM   21  O  OP1   . DG  A 1 2  ? -13.119 5.033   9.603   1.00 63.91 ? 2  DG  A OP1   1 
ATOM   22  O  OP2   . DG  A 1 2  ? -10.600 4.524   9.526   1.00 62.85 ? 2  DG  A OP2   1 
ATOM   23  O  "O5'" . DG  A 1 2  ? -11.985 4.322   7.499   1.00 59.66 ? 2  DG  A "O5'" 1 
ATOM   24  C  "C5'" . DG  A 1 2  ? -13.200 3.793   6.936   1.00 50.69 ? 2  DG  A "C5'" 1 
ATOM   25  C  "C4'" . DG  A 1 2  ? -12.997 2.445   6.260   1.00 46.19 ? 2  DG  A "C4'" 1 
ATOM   26  O  "O4'" . DG  A 1 2  ? -12.502 2.554   4.895   1.00 44.20 ? 2  DG  A "O4'" 1 
ATOM   27  C  "C3'" . DG  A 1 2  ? -12.114 1.372   6.896   1.00 43.28 ? 2  DG  A "C3'" 1 
ATOM   28  O  "O3'" . DG  A 1 2  ? -12.794 0.118   6.611   1.00 43.41 ? 2  DG  A "O3'" 1 
ATOM   29  C  "C2'" . DG  A 1 2  ? -10.760 1.651   6.243   1.00 41.59 ? 2  DG  A "C2'" 1 
ATOM   30  C  "C1'" . DG  A 1 2  ? -11.142 2.109   4.815   1.00 39.98 ? 2  DG  A "C1'" 1 
ATOM   31  N  N9    . DG  A 1 2  ? -10.377 3.211   4.271   1.00 34.73 ? 2  DG  A N9    1 
ATOM   32  C  C8    . DG  A 1 2  ? -9.703  4.159   5.002   1.00 33.45 ? 2  DG  A C8    1 
ATOM   33  N  N7    . DG  A 1 2  ? -9.194  5.109   4.271   1.00 33.03 ? 2  DG  A N7    1 
ATOM   34  C  C5    . DG  A 1 2  ? -9.537  4.766   2.970   1.00 32.07 ? 2  DG  A C5    1 
ATOM   35  C  C6    . DG  A 1 2  ? -9.281  5.426   1.764   1.00 30.57 ? 2  DG  A C6    1 
ATOM   36  O  O6    . DG  A 1 2  ? -8.720  6.506   1.588   1.00 31.88 ? 2  DG  A O6    1 
ATOM   37  N  N1    . DG  A 1 2  ? -9.758  4.727   0.674   1.00 28.96 ? 2  DG  A N1    1 
ATOM   38  C  C2    . DG  A 1 2  ? -10.422 3.548   0.712   1.00 30.80 ? 2  DG  A C2    1 
ATOM   39  N  N2    . DG  A 1 2  ? -10.795 3.046   -0.485  1.00 26.57 ? 2  DG  A N2    1 
ATOM   40  N  N3    . DG  A 1 2  ? -10.698 2.906   1.849   1.00 34.11 ? 2  DG  A N3    1 
ATOM   41  C  C4    . DG  A 1 2  ? -10.231 3.577   2.942   1.00 34.27 ? 2  DG  A C4    1 
ATOM   42  P  P     . DC  A 1 3  ? -12.003 -1.275  6.294   1.00 43.32 ? 3  DC  A P     1 
ATOM   43  O  OP1   . DC  A 1 3  ? -13.008 -2.379  6.135   1.00 41.68 ? 3  DC  A OP1   1 
ATOM   44  O  OP2   . DC  A 1 3  ? -10.897 -1.356  7.291   1.00 43.82 ? 3  DC  A OP2   1 
ATOM   45  O  "O5'" . DC  A 1 3  ? -11.440 -1.146  4.819   1.00 39.70 ? 3  DC  A "O5'" 1 
ATOM   46  C  "C5'" . DC  A 1 3  ? -12.372 -1.019  3.832   1.00 37.75 ? 3  DC  A "C5'" 1 
ATOM   47  C  "C4'" . DC  A 1 3  ? -11.777 -1.358  2.510   1.00 36.59 ? 3  DC  A "C4'" 1 
ATOM   48  O  "O4'" . DC  A 1 3  ? -10.857 -0.319  2.119   1.00 34.71 ? 3  DC  A "O4'" 1 
ATOM   49  C  "C3'" . DC  A 1 3  ? -10.922 -2.574  2.740   1.00 38.04 ? 3  DC  A "C3'" 1 
ATOM   50  O  "O3'" . DC  A 1 3  ? -11.072 -3.503  1.679   1.00 43.22 ? 3  DC  A "O3'" 1 
ATOM   51  C  "C2'" . DC  A 1 3  ? -9.544  -2.004  2.984   1.00 36.62 ? 3  DC  A "C2'" 1 
ATOM   52  C  "C1'" . DC  A 1 3  ? -9.571  -0.846  2.040   1.00 34.46 ? 3  DC  A "C1'" 1 
ATOM   53  N  N1    . DC  A 1 3  ? -8.636  0.209   2.222   1.00 32.63 ? 3  DC  A N1    1 
ATOM   54  C  C2    . DC  A 1 3  ? -8.287  1.001   1.118   1.00 31.92 ? 3  DC  A C2    1 
ATOM   55  O  O2    . DC  A 1 3  ? -8.797  0.760   0.021   1.00 32.98 ? 3  DC  A O2    1 
ATOM   56  N  N3    . DC  A 1 3  ? -7.396  1.997   1.276   1.00 32.00 ? 3  DC  A N3    1 
ATOM   57  C  C4    . DC  A 1 3  ? -6.847  2.219   2.475   1.00 32.63 ? 3  DC  A C4    1 
ATOM   58  N  N4    . DC  A 1 3  ? -5.974  3.208   2.593   1.00 31.15 ? 3  DC  A N4    1 
ATOM   59  C  C5    . DC  A 1 3  ? -7.179  1.425   3.616   1.00 33.46 ? 3  DC  A C5    1 
ATOM   60  C  C6    . DC  A 1 3  ? -8.075  0.437   3.443   1.00 33.75 ? 3  DC  A C6    1 
ATOM   61  P  P     . DA  A 1 4  ? -10.181 -4.848  1.650   1.00 44.65 ? 4  DA  A P     1 
ATOM   62  O  OP1   . DA  A 1 4  ? -11.208 -5.929  1.606   1.00 43.64 ? 4  DA  A OP1   1 
ATOM   63  O  OP2   . DA  A 1 4  ? -9.155  -4.836  2.756   1.00 43.33 ? 4  DA  A OP2   1 
ATOM   64  O  "O5'" . DA  A 1 4  ? -9.364  -4.682  0.298   1.00 39.81 ? 4  DA  A "O5'" 1 
ATOM   65  C  "C5'" . DA  A 1 4  ? -10.070 -4.763  -0.900  1.00 37.65 ? 4  DA  A "C5'" 1 
ATOM   66  C  "C4'" . DA  A 1 4  ? -9.297  -4.117  -2.015  1.00 36.34 ? 4  DA  A "C4'" 1 
ATOM   67  O  "O4'" . DA  A 1 4  ? -8.545  -2.992  -1.459  1.00 35.69 ? 4  DA  A "O4'" 1 
ATOM   68  C  "C3'" . DA  A 1 4  ? -8.234  -5.051  -2.578  1.00 34.85 ? 4  DA  A "C3'" 1 
ATOM   69  O  "O3'" . DA  A 1 4  ? -8.160  -4.895  -3.998  1.00 36.27 ? 4  DA  A "O3'" 1 
ATOM   70  C  "C2'" . DA  A 1 4  ? -6.990  -4.732  -1.784  1.00 35.85 ? 4  DA  A "C2'" 1 
ATOM   71  C  "C1'" . DA  A 1 4  ? -7.143  -3.235  -1.597  1.00 34.43 ? 4  DA  A "C1'" 1 
ATOM   72  N  N9    . DA  A 1 4  ? -6.347  -2.520  -0.510  1.00 29.62 ? 4  DA  A N9    1 
ATOM   73  C  C8    . DA  A 1 4  ? -6.048  -2.941  0.757   1.00 29.12 ? 4  DA  A C8    1 
ATOM   74  N  N7    . DA  A 1 4  ? -5.329  -2.094  1.439   1.00 27.14 ? 4  DA  A N7    1 
ATOM   75  C  C5    . DA  A 1 4  ? -5.134  -1.050  0.561   1.00 23.74 ? 4  DA  A C5    1 
ATOM   76  C  C6    . DA  A 1 4  ? -4.444  0.150   0.696   1.00 24.60 ? 4  DA  A C6    1 
ATOM   77  N  N6    . DA  A 1 4  ? -3.713  0.482   1.779   1.00 25.01 ? 4  DA  A N6    1 
ATOM   78  N  N1    . DA  A 1 4  ? -4.495  1.010   -0.339  1.00 25.34 ? 4  DA  A N1    1 
ATOM   79  C  C2    . DA  A 1 4  ? -5.161  0.628   -1.456  1.00 24.55 ? 4  DA  A C2    1 
ATOM   80  N  N3    . DA  A 1 4  ? -5.806  -0.496  -1.706  1.00 26.46 ? 4  DA  A N3    1 
ATOM   81  C  C4    . DA  A 1 4  ? -5.761  -1.296  -0.635  1.00 26.53 ? 4  DA  A C4    1 
ATOM   82  P  P     . DA  A 1 5  ? -7.145  -5.791  -4.874  1.00 38.62 ? 5  DA  A P     1 
ATOM   83  O  OP1   . DA  A 1 5  ? -7.717  -6.101  -6.208  1.00 37.80 ? 5  DA  A OP1   1 
ATOM   84  O  OP2   . DA  A 1 5  ? -6.613  -6.903  -4.005  1.00 38.15 ? 5  DA  A OP2   1 
ATOM   85  O  "O5'" . DA  A 1 5  ? -6.047  -4.709  -5.247  1.00 38.07 ? 5  DA  A "O5'" 1 
ATOM   86  C  "C5'" . DA  A 1 5  ? -6.541  -3.603  -5.945  1.00 37.76 ? 5  DA  A "C5'" 1 
ATOM   87  C  "C4'" . DA  A 1 5  ? -5.462  -2.653  -6.370  1.00 38.38 ? 5  DA  A "C4'" 1 
ATOM   88  O  "O4'" . DA  A 1 5  ? -4.973  -1.926  -5.217  1.00 35.65 ? 5  DA  A "O4'" 1 
ATOM   89  C  "C3'" . DA  A 1 5  ? -4.237  -3.326  -6.983  1.00 38.94 ? 5  DA  A "C3'" 1 
ATOM   90  O  "O3'" . DA  A 1 5  ? -3.788  -2.535  -8.119  1.00 40.59 ? 5  DA  A "O3'" 1 
ATOM   91  C  "C2'" . DA  A 1 5  ? -3.311  -3.497  -5.787  1.00 36.35 ? 5  DA  A "C2'" 1 
ATOM   92  C  "C1'" . DA  A 1 5  ? -3.625  -2.265  -4.958  1.00 33.45 ? 5  DA  A "C1'" 1 
ATOM   93  N  N9    . DA  A 1 5  ? -3.441  -2.408  -3.541  1.00 29.78 ? 5  DA  A N9    1 
ATOM   94  C  C8    . DA  A 1 5  ? -3.841  -3.424  -2.719  1.00 29.78 ? 5  DA  A C8    1 
ATOM   95  N  N7    . DA  A 1 5  ? -3.431  -3.292  -1.483  1.00 28.81 ? 5  DA  A N7    1 
ATOM   96  C  C5    . DA  A 1 5  ? -2.728  -2.099  -1.496  1.00 27.27 ? 5  DA  A C5    1 
ATOM   97  C  C6    . DA  A 1 5  ? -2.036  -1.411  -0.500  1.00 25.65 ? 5  DA  A C6    1 
ATOM   98  N  N6    . DA  A 1 5  ? -1.904  -1.858  0.715   1.00 28.09 ? 5  DA  A N6    1 
ATOM   99  N  N1    . DA  A 1 5  ? -1.481  -0.244  -0.807  1.00 24.24 ? 5  DA  A N1    1 
ATOM   100 C  C2    . DA  A 1 5  ? -1.604  0.206   -2.057  1.00 26.41 ? 5  DA  A C2    1 
ATOM   101 N  N3    . DA  A 1 5  ? -2.214  -0.364  -3.109  1.00 26.74 ? 5  DA  A N3    1 
ATOM   102 C  C4    . DA  A 1 5  ? -2.758  -1.532  -2.747  1.00 27.90 ? 5  DA  A C4    1 
ATOM   103 P  P     . DT  A 1 6  ? -2.428  -2.898  -8.914  1.00 42.52 ? 6  DT  A P     1 
ATOM   104 O  OP1   . DT  A 1 6  ? -2.705  -2.384  -10.274 1.00 43.16 ? 6  DT  A OP1   1 
ATOM   105 O  OP2   . DT  A 1 6  ? -2.049  -4.337  -8.755  1.00 44.40 ? 6  DT  A OP2   1 
ATOM   106 O  "O5'" . DT  A 1 6  ? -1.311  -2.008  -8.175  1.00 40.74 ? 6  DT  A "O5'" 1 
ATOM   107 C  "C5'" . DT  A 1 6  ? -1.551  -0.631  -8.050  1.00 39.94 ? 6  DT  A "C5'" 1 
ATOM   108 C  "C4'" . DT  A 1 6  ? -0.386  0.139   -7.477  1.00 39.65 ? 6  DT  A "C4'" 1 
ATOM   109 O  "O4'" . DT  A 1 6  ? -0.212  -0.037  -6.043  1.00 38.05 ? 6  DT  A "O4'" 1 
ATOM   110 C  "C3'" . DT  A 1 6  ? 0.954   -0.280  -8.061  1.00 41.74 ? 6  DT  A "C3'" 1 
ATOM   111 O  "O3'" . DT  A 1 6  ? 1.743   0.896   -8.265  1.00 43.97 ? 6  DT  A "O3'" 1 
ATOM   112 C  "C2'" . DT  A 1 6  ? 1.506   -1.266  -7.036  1.00 39.03 ? 6  DT  A "C2'" 1 
ATOM   113 C  "C1'" . DT  A 1 6  ? 1.054   -0.602  -5.775  1.00 35.21 ? 6  DT  A "C1'" 1 
ATOM   114 N  N1    . DT  A 1 6  ? 1.014   -1.391  -4.544  1.00 31.81 ? 6  DT  A N1    1 
ATOM   115 C  C2    . DT  A 1 6  ? 1.431   -0.794  -3.364  1.00 28.97 ? 6  DT  A C2    1 
ATOM   116 O  O2    . DT  A 1 6  ? 1.761   0.385   -3.243  1.00 26.28 ? 6  DT  A O2    1 
ATOM   117 N  N3    . DT  A 1 6  ? 1.433   -1.624  -2.302  1.00 29.70 ? 6  DT  A N3    1 
ATOM   118 C  C4    . DT  A 1 6  ? 1.043   -2.959  -2.245  1.00 31.96 ? 6  DT  A C4    1 
ATOM   119 O  O4    . DT  A 1 6  ? 1.116   -3.591  -1.138  1.00 33.74 ? 6  DT  A O4    1 
ATOM   120 C  C5    . DT  A 1 6  ? 0.582   -3.509  -3.523  1.00 29.14 ? 6  DT  A C5    1 
ATOM   121 C  C7    . DT  A 1 6  ? 0.125   -4.924  -3.594  1.00 27.73 ? 6  DT  A C7    1 
ATOM   122 C  C6    . DT  A 1 6  ? 0.602   -2.703  -4.580  1.00 30.33 ? 6  DT  A C6    1 
ATOM   123 P  P     . DT  A 1 7  ? 3.263   0.781   -8.793  1.00 44.37 ? 7  DT  A P     1 
ATOM   124 O  OP1   . DT  A 1 7  ? 3.500   2.102   -9.454  1.00 44.33 ? 7  DT  A OP1   1 
ATOM   125 O  OP2   . DT  A 1 7  ? 3.469   -0.480  -9.573  1.00 43.29 ? 7  DT  A OP2   1 
ATOM   126 O  "O5'" . DT  A 1 7  ? 4.047   0.855   -7.412  1.00 41.94 ? 7  DT  A "O5'" 1 
ATOM   127 C  "C5'" . DT  A 1 7  ? 3.873   2.067   -6.689  1.00 40.87 ? 7  DT  A "C5'" 1 
ATOM   128 C  "C4'" . DT  A 1 7  ? 4.967   2.278   -5.676  1.00 39.93 ? 7  DT  A "C4'" 1 
ATOM   129 O  "O4'" . DT  A 1 7  ? 4.798   1.338   -4.586  1.00 38.25 ? 7  DT  A "O4'" 1 
ATOM   130 C  "C3'" . DT  A 1 7  ? 6.357   2.005   -6.245  1.00 41.37 ? 7  DT  A "C3'" 1 
ATOM   131 O  "O3'" . DT  A 1 7  ? 7.270   2.982   -5.655  1.00 43.69 ? 7  DT  A "O3'" 1 
ATOM   132 C  "C2'" . DT  A 1 7  ? 6.534   0.517   -5.956  1.00 38.94 ? 7  DT  A "C2'" 1 
ATOM   133 C  "C1'" . DT  A 1 7  ? 5.815   0.389   -4.616  1.00 34.13 ? 7  DT  A "C1'" 1 
ATOM   134 N  N1    . DT  A 1 7  ? 5.301   -0.870  -4.200  1.00 28.49 ? 7  DT  A N1    1 
ATOM   135 C  C2    . DT  A 1 7  ? 5.351   -1.040  -2.856  1.00 25.89 ? 7  DT  A C2    1 
ATOM   136 O  O2    . DT  A 1 7  ? 5.744   -0.179  -2.127  1.00 27.09 ? 7  DT  A O2    1 
ATOM   137 N  N3    . DT  A 1 7  ? 4.971   -2.253  -2.405  1.00 24.62 ? 7  DT  A N3    1 
ATOM   138 C  C4    . DT  A 1 7  ? 4.573   -3.321  -3.147  1.00 24.62 ? 7  DT  A C4    1 
ATOM   139 O  O4    . DT  A 1 7  ? 4.302   -4.369  -2.592  1.00 26.10 ? 7  DT  A O4    1 
ATOM   140 C  C5    . DT  A 1 7  ? 4.504   -3.094  -4.575  1.00 25.33 ? 7  DT  A C5    1 
ATOM   141 C  C7    . DT  A 1 7  ? 4.046   -4.217  -5.451  1.00 26.96 ? 7  DT  A C7    1 
ATOM   142 C  C6    . DT  A 1 7  ? 4.851   -1.869  -5.043  1.00 26.77 ? 7  DT  A C6    1 
ATOM   143 P  P     . DG  A 1 8  ? 8.835   3.073   -6.091  1.00 43.54 ? 8  DG  A P     1 
ATOM   144 O  OP1   . DG  A 1 8  ? 9.251   4.452   -5.692  1.00 40.31 ? 8  DG  A OP1   1 
ATOM   145 O  OP2   . DG  A 1 8  ? 8.987   2.587   -7.505  1.00 40.32 ? 8  DG  A OP2   1 
ATOM   146 O  "O5'" . DG  A 1 8  ? 9.476   2.164   -4.960  1.00 41.97 ? 8  DG  A "O5'" 1 
ATOM   147 C  "C5'" . DG  A 1 8  ? 9.073   2.502   -3.626  1.00 41.05 ? 8  DG  A "C5'" 1 
ATOM   148 C  "C4'" . DG  A 1 8  ? 10.099  2.054   -2.624  1.00 37.65 ? 8  DG  A "C4'" 1 
ATOM   149 O  "O4'" . DG  A 1 8  ? 9.765   0.745   -2.156  1.00 35.18 ? 8  DG  A "O4'" 1 
ATOM   150 C  "C3'" . DG  A 1 8  ? 11.472  1.947   -3.261  1.00 36.63 ? 8  DG  A "C3'" 1 
ATOM   151 O  "O3'" . DG  A 1 8  ? 12.453  2.345   -2.318  1.00 35.84 ? 8  DG  A "O3'" 1 
ATOM   152 C  "C2'" . DG  A 1 8  ? 11.507  0.525   -3.782  1.00 34.93 ? 8  DG  A "C2'" 1 
ATOM   153 C  "C1'" . DG  A 1 8  ? 10.680  -0.194  -2.717  1.00 34.24 ? 8  DG  A "C1'" 1 
ATOM   154 N  N9    . DG  A 1 8  ? 9.891   -1.277  -3.155  1.00 28.75 ? 8  DG  A N9    1 
ATOM   155 C  C8    . DG  A 1 8  ? 9.507   -1.570  -4.414  1.00 28.82 ? 8  DG  A C8    1 
ATOM   156 N  N7    . DG  A 1 8  ? 8.717   -2.603  -4.458  1.00 28.31 ? 8  DG  A N7    1 
ATOM   157 C  C5    . DG  A 1 8  ? 8.620   -3.030  -3.138  1.00 24.70 ? 8  DG  A C5    1 
ATOM   158 C  C6    . DG  A 1 8  ? 7.900   -4.097  -2.549  1.00 24.49 ? 8  DG  A C6    1 
ATOM   159 O  O6    . DG  A 1 8  ? 7.198   -4.951  -3.106  1.00 25.89 ? 8  DG  A O6    1 
ATOM   160 N  N1    . DG  A 1 8  ? 8.042   -4.115  -1.182  1.00 19.03 ? 8  DG  A N1    1 
ATOM   161 C  C2    . DG  A 1 8  ? 8.752   -3.217  -0.487  1.00 21.11 ? 8  DG  A C2    1 
ATOM   162 N  N2    . DG  A 1 8  ? 8.783   -3.340  0.818   1.00 26.03 ? 8  DG  A N2    1 
ATOM   163 N  N3    . DG  A 1 8  ? 9.411   -2.238  -1.009  1.00 23.83 ? 8  DG  A N3    1 
ATOM   164 C  C4    . DG  A 1 8  ? 9.316   -2.209  -2.336  1.00 25.61 ? 8  DG  A C4    1 
ATOM   165 P  P     . DC  A 1 9  ? 13.927  1.841   -2.505  1.00 29.61 ? 9  DC  A P     1 
ATOM   166 O  OP1   . DC  A 1 9  ? 14.710  3.035   -2.241  1.00 32.32 ? 9  DC  A OP1   1 
ATOM   167 O  OP2   . DC  A 1 9  ? 13.886  1.233   -3.861  1.00 29.26 ? 9  DC  A OP2   1 
ATOM   168 O  "O5'" . DC  A 1 9  ? 14.142  0.734   -1.391  1.00 30.57 ? 9  DC  A "O5'" 1 
ATOM   169 C  "C5'" . DC  A 1 9  ? 14.454  1.128   -0.070  1.00 28.78 ? 9  DC  A "C5'" 1 
ATOM   170 C  "C4'" . DC  A 1 9  ? 14.356  -0.020  0.924   1.00 26.61 ? 9  DC  A "C4'" 1 
ATOM   171 O  "O4'" . DC  A 1 9  ? 13.348  -0.994  0.525   1.00 27.56 ? 9  DC  A "O4'" 1 
ATOM   172 C  "C3'" . DC  A 1 9  ? 15.656  -0.826  0.972   1.00 24.20 ? 9  DC  A "C3'" 1 
ATOM   173 O  "O3'" . DC  A 1 9  ? 15.815  -1.356  2.262   1.00 26.76 ? 9  DC  A "O3'" 1 
ATOM   174 C  "C2'" . DC  A 1 9  ? 15.445  -1.938  -0.006  1.00 22.70 ? 9  DC  A "C2'" 1 
ATOM   175 C  "C1'" . DC  A 1 9  ? 13.998  -2.241  0.289   1.00 23.16 ? 9  DC  A "C1'" 1 
ATOM   176 N  N1    . DC  A 1 9  ? 13.326  -2.951  -0.742  1.00 21.68 ? 9  DC  A N1    1 
ATOM   177 C  C2    . DC  A 1 9  ? 12.683  -4.142  -0.424  1.00 18.99 ? 9  DC  A C2    1 
ATOM   178 O  O2    . DC  A 1 9  ? 12.650  -4.505  0.748   1.00 23.40 ? 9  DC  A O2    1 
ATOM   179 N  N3    . DC  A 1 9  ? 12.117  -4.855  -1.381  1.00 15.88 ? 9  DC  A N3    1 
ATOM   180 C  C4    . DC  A 1 9  ? 12.157  -4.417  -2.636  1.00 16.60 ? 9  DC  A C4    1 
ATOM   181 N  N4    . DC  A 1 9  ? 11.587  -5.135  -3.551  1.00 15.62 ? 9  DC  A N4    1 
ATOM   182 C  C5    . DC  A 1 9  ? 12.780  -3.208  -2.994  1.00 18.19 ? 9  DC  A C5    1 
ATOM   183 C  C6    . DC  A 1 9  ? 13.341  -2.500  -2.023  1.00 21.29 ? 9  DC  A C6    1 
ATOM   184 P  P     . DG  A 1 10 ? 17.256  -1.328  2.925   1.00 30.91 ? 10 DG  A P     1 
ATOM   185 O  OP1   . DG  A 1 10 ? 17.301  -1.613  4.358   1.00 28.76 ? 10 DG  A OP1   1 
ATOM   186 O  OP2   . DG  A 1 10 ? 17.831  -0.019  2.462   1.00 27.84 ? 10 DG  A OP2   1 
ATOM   187 O  "O5'" . DG  A 1 10 ? 17.924  -2.546  2.136   1.00 28.46 ? 10 DG  A "O5'" 1 
ATOM   188 C  "C5'" . DG  A 1 10 ? 17.282  -3.824  1.923   1.00 29.33 ? 10 DG  A "C5'" 1 
ATOM   189 C  "C4'" . DG  A 1 10 ? 18.162  -4.775  1.105   1.00 31.72 ? 10 DG  A "C4'" 1 
ATOM   190 O  "O4'" . DG  A 1 10 ? 18.047  -4.550  -0.335  1.00 28.88 ? 10 DG  A "O4'" 1 
ATOM   191 C  "C3'" . DG  A 1 10 ? 19.686  -4.837  1.425   1.00 32.45 ? 10 DG  A "C3'" 1 
ATOM   192 O  "O3'" . DG  A 1 10 ? 20.164  -6.034  2.116   1.00 36.35 ? 10 DG  A "O3'" 1 
ATOM   193 C  "C2'" . DG  A 1 10 ? 20.413  -4.545  0.120   1.00 30.38 ? 10 DG  A "C2'" 1 
ATOM   194 C  "C1'" . DG  A 1 10 ? 19.333  -4.228  -0.916  1.00 28.90 ? 10 DG  A "C1'" 1 
ATOM   195 N  N9    . DG  A 1 10 ? 19.370  -2.770  -1.125  1.00 25.98 ? 10 DG  A N9    1 
ATOM   196 C  C8    . DG  A 1 10 ? 20.189  -1.879  -0.461  1.00 26.58 ? 10 DG  A C8    1 
ATOM   197 N  N7    . DG  A 1 10 ? 19.959  -0.616  -0.778  1.00 25.99 ? 10 DG  A N7    1 
ATOM   198 C  C5    . DG  A 1 10 ? 18.956  -0.699  -1.748  1.00 22.85 ? 10 DG  A C5    1 
ATOM   199 C  C6    . DG  A 1 10 ? 18.357  0.282   -2.466  1.00 21.12 ? 10 DG  A C6    1 
ATOM   200 O  O6    . DG  A 1 10 ? 18.567  1.470   -2.422  1.00 25.44 ? 10 DG  A O6    1 
ATOM   201 N  N1    . DG  A 1 10 ? 17.416  -0.197  -3.336  1.00 21.56 ? 10 DG  A N1    1 
ATOM   202 C  C2    . DG  A 1 10 ? 17.057  -1.485  -3.497  1.00 21.33 ? 10 DG  A C2    1 
ATOM   203 N  N2    . DG  A 1 10 ? 16.090  -1.726  -4.402  1.00 16.87 ? 10 DG  A N2    1 
ATOM   204 N  N3    . DG  A 1 10 ? 17.622  -2.465  -2.822  1.00 24.93 ? 10 DG  A N3    1 
ATOM   205 C  C4    . DG  A 1 10 ? 18.577  -2.007  -1.972  1.00 24.78 ? 10 DG  A C4    1 
HETATM 206 MG MG    . MG  B 2 .  ? 21.064  1.261   0.493   0.50 2.04  ? 11 MG  A MG    1 
HETATM 207 O  O     . HOH C 3 .  ? -10.125 -6.495  -3.800  0.50 34.08 ? 12 HOH A O     1 
HETATM 208 O  O     . HOH C 3 .  ? -1.359  -4.103  2.848   0.50 19.59 ? 13 HOH A O     1 
HETATM 209 O  O     . HOH C 3 .  ? -8.942  9.275   2.898   0.50 12.19 ? 14 HOH A O     1 
HETATM 210 O  O     . HOH C 3 .  ? 22.811  0.155   0.304   0.50 25.60 ? 15 HOH A O     1 
HETATM 211 O  O     . HOH C 3 .  ? 9.241   8.758   1.766   0.50 26.61 ? 16 HOH A O     1 
HETATM 212 O  O     . HOH C 3 .  ? -5.268  5.158   11.606  0.50 26.90 ? 17 HOH A O     1 
HETATM 213 O  O     . HOH C 3 .  ? 17.014  -1.087  6.659   0.50 35.30 ? 18 HOH A O     1 
HETATM 214 O  O     . HOH C 3 .  ? 12.112  2.333   -6.382  1.00 53.92 ? 19 HOH A O     1 
HETATM 215 O  O     . HOH C 3 .  ? 5.800   1.917   0.020   1.00 36.36 ? 20 HOH A O     1 
HETATM 216 O  O     . HOH C 3 .  ? -14.051 -3.807  2.104   1.00 68.53 ? 21 HOH A O     1 
HETATM 217 O  O     . HOH C 3 .  ? -6.611  -3.332  9.193   1.00 30.43 ? 22 HOH A O     1 
HETATM 218 O  O     . HOH C 3 .  ? -2.192  -0.215  5.482   1.00 36.53 ? 23 HOH A O     1 
HETATM 219 O  O     . HOH C 3 .  ? -12.455 -9.005  0.696   1.00 51.13 ? 24 HOH A O     1 
HETATM 220 O  O     . HOH C 3 .  ? -10.954 3.004   11.488  1.00 52.27 ? 25 HOH A O     1 
HETATM 221 O  O     . HOH C 3 .  ? -5.582  -4.193  -9.547  1.00 64.26 ? 26 HOH A O     1 
HETATM 222 O  O     . HOH C 3 .  ? -4.416  2.865   7.288   1.00 37.97 ? 27 HOH A O     1 
HETATM 223 O  O     . HOH C 3 .  ? -6.408  1.073   -4.215  1.00 44.85 ? 28 HOH A O     1 
HETATM 224 O  O     . HOH C 3 .  ? -5.639  -7.739  8.154   1.00 43.90 ? 29 HOH A O     1 
HETATM 225 O  O     . HOH C 3 .  ? -4.636  -7.632  11.142  1.00 48.13 ? 30 HOH A O     1 
HETATM 226 O  O     . HOH C 3 .  ? -4.042  -0.817  9.695   1.00 58.37 ? 31 HOH A O     1 
HETATM 227 O  O     . HOH C 3 .  ? -4.874  -7.253  -10.854 1.00 60.44 ? 32 HOH A O     1 
HETATM 228 O  O     . HOH C 3 .  ? -3.151  -9.483  -4.672  1.00 38.35 ? 33 HOH A O     1 
HETATM 229 O  O     . HOH C 3 .  ? -5.983  -0.411  12.528  1.00 62.27 ? 34 HOH A O     1 
HETATM 230 O  O     . HOH C 3 .  ? -7.093  -4.443  -12.093 1.00 45.93 ? 35 HOH A O     1 
HETATM 231 O  O     . HOH C 3 .  ? -5.813  -2.919  14.399  1.00 64.59 ? 36 HOH A O     1 
HETATM 232 O  O     . HOH C 3 .  ? 12.627  3.903   -8.401  1.00 61.38 ? 37 HOH A O     1 
HETATM 233 O  O     . HOH C 3 .  ? -9.611  -7.575  7.118   1.00 50.56 ? 38 HOH A O     1 
HETATM 234 O  O     . HOH C 3 .  ? -15.397 -0.173  8.978   1.00 42.72 ? 39 HOH A O     1 
HETATM 235 O  O     . HOH C 3 .  ? 7.732   4.353   -0.364  1.00 64.69 ? 40 HOH A O     1 
HETATM 236 O  O     . HOH C 3 .  ? -7.997  11.980  2.252   1.00 41.37 ? 41 HOH A O     1 
HETATM 237 O  O     . HOH C 3 .  ? -16.052 15.080  9.164   1.00 59.14 ? 42 HOH A O     1 
HETATM 238 O  O     . HOH C 3 .  ? 1.130   -5.968  -7.591  1.00 57.63 ? 43 HOH A O     1 
HETATM 239 O  O     . HOH C 3 .  ? -3.679  -1.652  3.855   1.00 59.16 ? 44 HOH A O     1 
HETATM 240 O  O     . HOH C 3 .  ? 8.649   2.753   -9.852  1.00 57.38 ? 45 HOH A O     1 
HETATM 241 O  O     . HOH C 3 .  ? -15.992 -2.104  4.729   1.00 69.71 ? 46 HOH A O     1 
HETATM 242 O  O     . HOH C 3 .  ? 6.397   5.730   -9.544  1.00 51.61 ? 47 HOH A O     1 
HETATM 243 O  O     . HOH C 3 .  ? -6.734  -5.029  6.575   1.00 61.89 ? 48 HOH A O     1 
HETATM 244 O  O     . HOH C 3 .  ? -7.065  -8.913  -7.380  1.00 38.09 ? 49 HOH A O     1 
HETATM 245 O  O     . HOH C 3 .  ? 8.843   1.586   -12.878 1.00 51.61 ? 50 HOH A O     1 
HETATM 246 O  O     . HOH C 3 .  ? 5.871   3.303   -10.714 1.00 63.36 ? 51 HOH A O     1 
HETATM 247 O  O     . HOH C 3 .  ? -3.767  -6.403  -5.209  1.00 45.02 ? 52 HOH A O     1 
HETATM 248 O  O     . HOH C 3 .  ? 24.667  1.125   -1.989  1.00 56.89 ? 53 HOH A O     1 
HETATM 249 O  O     . HOH C 3 .  ? -13.904 1.650   10.337  1.00 54.16 ? 54 HOH A O     1 
HETATM 250 O  O     . HOH C 3 .  ? -2.927  -6.459  -8.081  1.00 65.12 ? 55 HOH A O     1 
HETATM 251 O  O     . HOH C 3 .  ? -5.355  0.359   6.919   1.00 44.80 ? 56 HOH A O     1 
HETATM 252 O  O     . HOH C 3 .  ? 0.133   -2.708  4.718   1.00 33.24 ? 57 HOH A O     1 
HETATM 253 O  O     . HOH C 3 .  ? -3.650  -2.771  12.210  1.00 71.26 ? 58 HOH A O     1 
HETATM 254 O  O     . HOH C 3 .  ? -6.363  -3.354  4.295   1.00 67.05 ? 59 HOH A O     1 
HETATM 255 O  O     . HOH C 3 .  ? -16.456 2.454   9.343   1.00 34.63 ? 60 HOH A O     1 
HETATM 256 O  O     . HOH C 3 .  ? -11.894 -0.454  10.678  1.00 57.47 ? 61 HOH A O     1 
HETATM 257 O  O     . HOH C 3 .  ? -14.403 -5.715  0.359   1.00 50.06 ? 62 HOH A O     1 
HETATM 258 O  O     . HOH C 3 .  ? -7.742  4.287   11.630  1.00 52.20 ? 63 HOH A O     1 
HETATM 259 O  O     . HOH C 3 .  ? 22.650  0.458   -10.570 1.00 56.99 ? 64 HOH A O     1 
HETATM 260 O  O     . HOH C 3 .  ? 8.376   6.654   -3.886  1.00 68.14 ? 65 HOH A O     1 
HETATM 261 O  O     . HOH C 3 .  ? 4.535   -5.286  -8.728  1.00 46.21 ? 66 HOH A O     1 
HETATM 262 O  O     . HOH C 3 .  ? 18.395  -3.330  5.796   1.00 60.24 ? 67 HOH A O     1 
HETATM 263 O  O     . HOH C 3 .  ? -11.184 15.677  6.664   1.00 54.29 ? 68 HOH A O     1 
HETATM 264 O  O     . HOH C 3 .  ? 18.354  3.881   -3.808  1.00 46.03 ? 69 HOH A O     1 
HETATM 265 O  O     . HOH C 3 .  ? -6.961  -10.156 8.266   1.00 55.70 ? 70 HOH A O     1 
HETATM 266 O  O     . HOH C 3 .  ? 15.358  0.642   -5.783  1.00 38.46 ? 71 HOH A O     1 
HETATM 267 O  O     . HOH C 3 .  ? -6.407  3.362   -5.848  1.00 46.62 ? 72 HOH A O     1 
HETATM 268 O  O     . HOH C 3 .  ? 1.405   2.455   -4.222  1.00 37.60 ? 73 HOH A O     1 
HETATM 269 O  O     . HOH C 3 .  ? -8.006  6.152   14.571  1.00 56.31 ? 74 HOH A O     1 
HETATM 270 O  O     . HOH C 3 .  ? 7.851   2.798   1.931   1.00 46.15 ? 75 HOH A O     1 
HETATM 271 O  O     . HOH C 3 .  ? -15.464 10.522  6.774   1.00 46.48 ? 76 HOH A O     1 
HETATM 272 O  O     . HOH C 3 .  ? -5.447  -4.773  11.370  1.00 45.90 ? 77 HOH A O     1 
# 
